data_2EPY
#
_entry.id   2EPY
#
loop_
_entity.id
_entity.type
_entity.pdbx_description
1 polymer 'Zinc finger protein 268'
2 non-polymer 'ZINC ION'
#
_entity_poly.entity_id   1
_entity_poly.type   'polypeptide(L)'
_entity_poly.pdbx_seq_one_letter_code
;GSSGSSGEKLHECNNCGKAFSFKSQLIIHQRIHTGESGPSSG
;
_entity_poly.pdbx_strand_id   A
#
# COMPACT_ATOMS: atom_id res chain seq x y z
N GLY A 1 -4.16 3.95 9.05
CA GLY A 1 -3.60 3.90 10.39
C GLY A 1 -4.32 2.90 11.28
N SER A 2 -4.17 1.62 10.96
CA SER A 2 -4.82 0.56 11.73
C SER A 2 -3.90 -0.65 11.86
N SER A 3 -3.59 -1.01 13.11
CA SER A 3 -2.72 -2.15 13.37
C SER A 3 -3.29 -3.43 12.77
N GLY A 4 -2.46 -4.14 12.01
CA GLY A 4 -2.91 -5.37 11.38
C GLY A 4 -2.04 -5.77 10.21
N SER A 5 -0.74 -5.92 10.46
CA SER A 5 0.20 -6.30 9.41
C SER A 5 0.34 -7.82 9.31
N SER A 6 -0.08 -8.38 8.19
CA SER A 6 0.00 -9.82 7.98
C SER A 6 1.10 -10.17 6.99
N GLY A 7 1.62 -11.39 7.10
CA GLY A 7 2.68 -11.83 6.21
C GLY A 7 3.92 -10.96 6.32
N GLU A 8 4.98 -11.34 5.60
CA GLU A 8 6.23 -10.60 5.63
C GLU A 8 6.08 -9.25 4.93
N LYS A 9 6.74 -8.23 5.46
CA LYS A 9 6.67 -6.90 4.89
C LYS A 9 7.70 -6.74 3.76
N LEU A 10 7.32 -7.16 2.57
CA LEU A 10 8.21 -7.07 1.41
C LEU A 10 8.31 -5.62 0.92
N HIS A 11 7.17 -4.93 0.87
CA HIS A 11 7.14 -3.55 0.43
C HIS A 11 6.23 -2.71 1.33
N GLU A 12 6.85 -1.87 2.16
CA GLU A 12 6.09 -1.02 3.07
C GLU A 12 5.96 0.39 2.51
N CYS A 13 4.88 1.06 2.87
CA CYS A 13 4.63 2.43 2.41
C CYS A 13 5.33 3.44 3.31
N ASN A 14 6.21 4.24 2.70
CA ASN A 14 6.94 5.26 3.46
C ASN A 14 6.15 6.57 3.53
N ASN A 15 4.83 6.45 3.57
CA ASN A 15 3.95 7.62 3.63
C ASN A 15 2.97 7.49 4.79
N CYS A 16 2.23 6.39 4.80
CA CYS A 16 1.24 6.16 5.85
C CYS A 16 1.73 5.09 6.83
N GLY A 17 2.23 3.98 6.28
CA GLY A 17 2.73 2.91 7.11
C GLY A 17 2.09 1.57 6.78
N LYS A 18 1.70 1.41 5.51
CA LYS A 18 1.08 0.17 5.07
C LYS A 18 2.13 -0.83 4.60
N ALA A 19 1.68 -2.04 4.29
CA ALA A 19 2.58 -3.09 3.83
C ALA A 19 1.97 -3.88 2.68
N PHE A 20 2.81 -4.26 1.72
CA PHE A 20 2.35 -5.01 0.56
C PHE A 20 3.38 -6.06 0.14
N SER A 21 2.91 -7.28 -0.11
CA SER A 21 3.79 -8.38 -0.51
C SER A 21 4.00 -8.38 -2.02
N PHE A 22 3.80 -7.22 -2.64
CA PHE A 22 3.95 -7.10 -4.08
C PHE A 22 4.35 -5.67 -4.46
N LYS A 23 5.58 -5.49 -4.92
CA LYS A 23 6.08 -4.19 -5.32
C LYS A 23 5.00 -3.40 -6.06
N SER A 24 4.46 -3.98 -7.11
CA SER A 24 3.42 -3.33 -7.91
C SER A 24 2.28 -2.86 -7.01
N GLN A 25 1.77 -3.77 -6.18
CA GLN A 25 0.67 -3.44 -5.28
C GLN A 25 0.95 -2.15 -4.52
N LEU A 26 2.09 -2.12 -3.82
CA LEU A 26 2.47 -0.95 -3.05
C LEU A 26 2.39 0.32 -3.90
N ILE A 27 2.91 0.25 -5.12
CA ILE A 27 2.89 1.39 -6.02
C ILE A 27 1.46 1.81 -6.32
N ILE A 28 0.56 0.84 -6.45
CA ILE A 28 -0.83 1.12 -6.74
C ILE A 28 -1.51 1.81 -5.56
N HIS A 29 -1.04 1.51 -4.37
CA HIS A 29 -1.59 2.11 -3.15
C HIS A 29 -1.07 3.53 -2.95
N GLN A 30 0.25 3.67 -3.05
CA GLN A 30 0.90 4.97 -2.87
C GLN A 30 0.20 6.03 -3.72
N ARG A 31 -0.55 5.59 -4.73
CA ARG A 31 -1.26 6.50 -5.61
C ARG A 31 -2.20 7.41 -4.82
N ILE A 32 -2.69 6.91 -3.69
CA ILE A 32 -3.59 7.68 -2.85
C ILE A 32 -2.88 8.89 -2.23
N HIS A 33 -1.58 8.75 -2.02
CA HIS A 33 -0.78 9.83 -1.45
C HIS A 33 -0.38 10.84 -2.53
N THR A 34 -0.15 10.34 -3.74
CA THR A 34 0.25 11.19 -4.86
C THR A 34 -0.94 11.51 -5.76
N GLY A 35 -0.72 12.38 -6.73
CA GLY A 35 -1.78 12.76 -7.64
C GLY A 35 -1.83 11.87 -8.87
N GLU A 36 -2.90 11.10 -9.00
CA GLU A 36 -3.07 10.20 -10.13
C GLU A 36 -3.57 10.95 -11.35
N SER A 37 -3.73 10.23 -12.47
CA SER A 37 -4.21 10.83 -13.70
C SER A 37 -5.05 9.84 -14.50
N GLY A 38 -6.35 10.12 -14.59
CA GLY A 38 -7.24 9.24 -15.33
C GLY A 38 -8.54 9.92 -15.70
N PRO A 39 -9.58 9.11 -15.96
CA PRO A 39 -10.90 9.63 -16.34
C PRO A 39 -11.61 10.32 -15.18
N SER A 40 -12.62 11.12 -15.50
CA SER A 40 -13.38 11.84 -14.49
C SER A 40 -14.46 10.96 -13.88
N SER A 41 -14.49 10.91 -12.55
CA SER A 41 -15.49 10.10 -11.84
C SER A 41 -15.63 10.56 -10.40
N GLY A 42 -16.85 10.52 -9.89
CA GLY A 42 -17.11 10.94 -8.52
C GLY A 42 -16.90 12.42 -8.33
N GLY A 1 -3.61 -10.51 22.85
CA GLY A 1 -4.72 -10.45 21.90
C GLY A 1 -4.28 -10.67 20.47
N SER A 2 -3.72 -11.84 20.20
CA SER A 2 -3.24 -12.18 18.87
C SER A 2 -3.12 -13.69 18.69
N SER A 3 -3.56 -14.18 17.53
CA SER A 3 -3.51 -15.60 17.24
C SER A 3 -2.07 -16.06 16.97
N GLY A 4 -1.44 -15.42 15.97
CA GLY A 4 -0.08 -15.76 15.62
C GLY A 4 0.81 -14.54 15.49
N SER A 5 2.12 -14.77 15.45
CA SER A 5 3.08 -13.68 15.33
C SER A 5 3.61 -13.58 13.90
N SER A 6 2.87 -12.86 13.05
CA SER A 6 3.27 -12.70 11.66
C SER A 6 4.02 -11.38 11.46
N GLY A 7 4.78 -11.30 10.38
CA GLY A 7 5.54 -10.10 10.10
C GLY A 7 6.11 -10.08 8.70
N GLU A 8 5.28 -9.73 7.72
CA GLU A 8 5.70 -9.68 6.33
C GLU A 8 5.44 -8.30 5.72
N LYS A 9 6.52 -7.57 5.44
CA LYS A 9 6.42 -6.24 4.86
C LYS A 9 7.41 -6.06 3.71
N LEU A 10 7.39 -7.02 2.78
CA LEU A 10 8.29 -6.96 1.63
C LEU A 10 8.33 -5.56 1.03
N HIS A 11 7.20 -4.87 1.09
CA HIS A 11 7.12 -3.51 0.56
C HIS A 11 6.21 -2.64 1.43
N GLU A 12 6.81 -1.74 2.20
CA GLU A 12 6.06 -0.85 3.07
C GLU A 12 5.96 0.55 2.47
N CYS A 13 4.88 1.24 2.80
CA CYS A 13 4.66 2.60 2.30
C CYS A 13 5.31 3.63 3.21
N ASN A 14 6.21 4.42 2.64
CA ASN A 14 6.91 5.46 3.39
C ASN A 14 6.08 6.74 3.45
N ASN A 15 4.77 6.59 3.43
CA ASN A 15 3.87 7.73 3.49
C ASN A 15 2.86 7.59 4.63
N CYS A 16 2.18 6.45 4.67
CA CYS A 16 1.20 6.18 5.70
C CYS A 16 1.69 5.09 6.66
N GLY A 17 2.22 4.00 6.10
CA GLY A 17 2.72 2.92 6.91
C GLY A 17 2.09 1.59 6.56
N LYS A 18 1.70 1.43 5.30
CA LYS A 18 1.07 0.20 4.83
C LYS A 18 2.13 -0.78 4.34
N ALA A 19 1.68 -1.99 3.99
CA ALA A 19 2.59 -3.02 3.50
C ALA A 19 1.92 -3.86 2.42
N PHE A 20 2.70 -4.25 1.42
CA PHE A 20 2.19 -5.05 0.31
C PHE A 20 3.21 -6.11 -0.12
N SER A 21 2.92 -7.37 0.19
CA SER A 21 3.81 -8.46 -0.16
C SER A 21 4.31 -8.31 -1.59
N PHE A 22 3.52 -7.65 -2.42
CA PHE A 22 3.89 -7.43 -3.82
C PHE A 22 4.36 -6.00 -4.05
N LYS A 23 5.41 -5.84 -4.85
CA LYS A 23 5.96 -4.52 -5.14
C LYS A 23 4.94 -3.68 -5.91
N SER A 24 4.55 -4.13 -7.09
CA SER A 24 3.58 -3.42 -7.92
C SER A 24 2.41 -2.94 -7.07
N GLN A 25 1.80 -3.86 -6.32
CA GLN A 25 0.67 -3.51 -5.48
C GLN A 25 0.92 -2.23 -4.71
N LEU A 26 1.97 -2.23 -3.89
CA LEU A 26 2.33 -1.06 -3.09
C LEU A 26 2.29 0.20 -3.94
N ILE A 27 2.97 0.16 -5.08
CA ILE A 27 3.00 1.30 -5.99
C ILE A 27 1.60 1.77 -6.34
N ILE A 28 0.70 0.82 -6.58
CA ILE A 28 -0.68 1.14 -6.93
C ILE A 28 -1.39 1.85 -5.78
N HIS A 29 -1.00 1.51 -4.55
CA HIS A 29 -1.60 2.11 -3.37
C HIS A 29 -1.08 3.53 -3.17
N GLN A 30 0.24 3.70 -3.24
CA GLN A 30 0.86 5.01 -3.06
C GLN A 30 0.15 6.06 -3.91
N ARG A 31 -0.55 5.61 -4.93
CA ARG A 31 -1.27 6.51 -5.83
C ARG A 31 -2.19 7.44 -5.03
N ILE A 32 -2.65 6.96 -3.88
CA ILE A 32 -3.53 7.75 -3.03
C ILE A 32 -2.80 8.95 -2.43
N HIS A 33 -1.47 8.81 -2.29
CA HIS A 33 -0.66 9.88 -1.73
C HIS A 33 -0.25 10.87 -2.82
N THR A 34 0.59 10.41 -3.75
CA THR A 34 1.06 11.25 -4.84
C THR A 34 -0.01 12.24 -5.27
N GLY A 35 -1.23 11.74 -5.47
CA GLY A 35 -2.33 12.58 -5.89
C GLY A 35 -3.25 11.91 -6.88
N GLU A 36 -2.68 11.50 -8.02
CA GLU A 36 -3.47 10.83 -9.06
C GLU A 36 -4.47 9.84 -8.43
N SER A 37 -5.64 9.73 -9.06
CA SER A 37 -6.68 8.83 -8.56
C SER A 37 -6.35 7.39 -8.90
N GLY A 38 -6.08 6.59 -7.87
CA GLY A 38 -5.74 5.20 -8.08
C GLY A 38 -6.72 4.26 -7.38
N PRO A 39 -6.86 3.04 -7.92
CA PRO A 39 -7.77 2.04 -7.37
C PRO A 39 -7.28 1.49 -6.04
N SER A 40 -8.09 0.62 -5.42
CA SER A 40 -7.74 0.03 -4.14
C SER A 40 -7.49 1.11 -3.09
N SER A 41 -8.33 2.15 -3.11
CA SER A 41 -8.20 3.25 -2.16
C SER A 41 -8.64 2.82 -0.77
N GLY A 42 -8.41 3.70 0.22
CA GLY A 42 -8.78 3.39 1.58
C GLY A 42 -7.89 4.07 2.60
N GLY A 1 -10.74 -9.15 0.65
CA GLY A 1 -9.62 -9.93 1.15
C GLY A 1 -9.44 -9.79 2.64
N SER A 2 -8.30 -10.26 3.14
CA SER A 2 -8.01 -10.19 4.57
C SER A 2 -6.70 -9.45 4.81
N SER A 3 -6.79 -8.11 4.84
CA SER A 3 -5.61 -7.29 5.06
C SER A 3 -5.18 -7.32 6.52
N GLY A 4 -4.16 -8.13 6.82
CA GLY A 4 -3.68 -8.25 8.18
C GLY A 4 -2.17 -8.12 8.27
N SER A 5 -1.61 -8.59 9.37
CA SER A 5 -0.16 -8.52 9.58
C SER A 5 0.46 -9.91 9.54
N SER A 6 1.28 -10.16 8.53
CA SER A 6 1.95 -11.45 8.38
C SER A 6 3.27 -11.47 9.13
N GLY A 7 4.03 -10.38 9.01
CA GLY A 7 5.31 -10.29 9.68
C GLY A 7 6.35 -9.56 8.85
N GLU A 8 6.72 -10.15 7.71
CA GLU A 8 7.71 -9.54 6.83
C GLU A 8 7.06 -8.51 5.91
N LYS A 9 7.53 -7.27 5.99
CA LYS A 9 6.99 -6.20 5.16
C LYS A 9 7.79 -6.06 3.87
N LEU A 10 7.57 -6.99 2.94
CA LEU A 10 8.26 -6.97 1.66
C LEU A 10 8.31 -5.56 1.08
N HIS A 11 7.16 -4.87 1.11
CA HIS A 11 7.08 -3.51 0.60
C HIS A 11 6.19 -2.65 1.49
N GLU A 12 6.82 -1.77 2.26
CA GLU A 12 6.08 -0.88 3.16
C GLU A 12 5.99 0.53 2.59
N CYS A 13 4.83 1.15 2.75
CA CYS A 13 4.62 2.50 2.25
C CYS A 13 5.30 3.53 3.15
N ASN A 14 6.22 4.30 2.57
CA ASN A 14 6.94 5.32 3.31
C ASN A 14 6.13 6.62 3.38
N ASN A 15 4.81 6.49 3.43
CA ASN A 15 3.93 7.65 3.49
C ASN A 15 2.94 7.51 4.64
N CYS A 16 2.24 6.37 4.68
CA CYS A 16 1.26 6.12 5.73
C CYS A 16 1.75 5.03 6.69
N GLY A 17 2.25 3.93 6.12
CA GLY A 17 2.74 2.85 6.94
C GLY A 17 2.10 1.52 6.58
N LYS A 18 1.68 1.38 5.33
CA LYS A 18 1.05 0.15 4.86
C LYS A 18 2.10 -0.85 4.39
N ALA A 19 1.63 -2.03 3.97
CA ALA A 19 2.53 -3.06 3.49
C ALA A 19 1.87 -3.90 2.40
N PHE A 20 2.62 -4.19 1.34
CA PHE A 20 2.10 -4.99 0.23
C PHE A 20 3.11 -6.06 -0.19
N SER A 21 2.82 -7.30 0.16
CA SER A 21 3.70 -8.42 -0.18
C SER A 21 4.27 -8.24 -1.59
N PHE A 22 3.49 -7.64 -2.47
CA PHE A 22 3.92 -7.41 -3.85
C PHE A 22 4.37 -5.96 -4.04
N LYS A 23 5.40 -5.78 -4.85
CA LYS A 23 5.95 -4.45 -5.12
C LYS A 23 4.91 -3.59 -5.86
N SER A 24 4.54 -4.03 -7.06
CA SER A 24 3.56 -3.30 -7.87
C SER A 24 2.40 -2.83 -7.01
N GLN A 25 1.79 -3.77 -6.28
CA GLN A 25 0.66 -3.44 -5.41
C GLN A 25 0.90 -2.15 -4.64
N LEU A 26 1.99 -2.13 -3.87
CA LEU A 26 2.34 -0.95 -3.08
C LEU A 26 2.34 0.30 -3.95
N ILE A 27 3.00 0.22 -5.10
CA ILE A 27 3.07 1.35 -6.02
C ILE A 27 1.69 1.83 -6.42
N ILE A 28 0.76 0.88 -6.53
CA ILE A 28 -0.61 1.21 -6.90
C ILE A 28 -1.34 1.95 -5.78
N HIS A 29 -1.00 1.60 -4.54
CA HIS A 29 -1.61 2.24 -3.38
C HIS A 29 -1.04 3.63 -3.15
N GLN A 30 0.29 3.74 -3.21
CA GLN A 30 0.96 5.01 -3.02
C GLN A 30 0.34 6.10 -3.90
N ARG A 31 -0.40 5.67 -4.92
CA ARG A 31 -1.04 6.60 -5.84
C ARG A 31 -1.99 7.55 -5.09
N ILE A 32 -2.51 7.07 -3.96
CA ILE A 32 -3.41 7.88 -3.15
C ILE A 32 -2.69 9.06 -2.52
N HIS A 33 -1.39 8.88 -2.26
CA HIS A 33 -0.60 9.95 -1.66
C HIS A 33 -0.21 10.99 -2.70
N THR A 34 0.38 10.53 -3.80
CA THR A 34 0.80 11.43 -4.87
C THR A 34 -0.39 11.97 -5.64
N GLY A 35 -1.59 11.55 -5.24
CA GLY A 35 -2.81 12.00 -5.90
C GLY A 35 -3.14 11.17 -7.13
N GLU A 36 -4.33 10.58 -7.12
CA GLU A 36 -4.76 9.75 -8.24
C GLU A 36 -5.58 10.58 -9.23
N SER A 37 -5.05 10.71 -10.45
CA SER A 37 -5.72 11.48 -11.49
C SER A 37 -6.21 10.56 -12.61
N GLY A 38 -7.28 10.97 -13.28
CA GLY A 38 -7.82 10.18 -14.36
C GLY A 38 -9.34 10.17 -14.36
N PRO A 39 -9.94 9.36 -15.26
CA PRO A 39 -11.39 9.24 -15.37
C PRO A 39 -12.01 8.54 -14.18
N SER A 40 -11.19 7.84 -13.41
CA SER A 40 -11.66 7.11 -12.24
C SER A 40 -11.69 8.02 -11.02
N SER A 41 -12.18 7.49 -9.90
CA SER A 41 -12.27 8.25 -8.66
C SER A 41 -11.22 7.79 -7.66
N GLY A 42 -10.55 8.75 -7.03
CA GLY A 42 -9.53 8.43 -6.06
C GLY A 42 -8.78 7.16 -6.41
N GLY A 1 -10.92 -1.36 7.29
CA GLY A 1 -11.58 -1.78 8.51
C GLY A 1 -10.64 -2.48 9.47
N SER A 2 -10.80 -3.80 9.59
CA SER A 2 -9.96 -4.59 10.48
C SER A 2 -9.08 -5.55 9.70
N SER A 3 -7.90 -5.06 9.31
CA SER A 3 -6.96 -5.88 8.54
C SER A 3 -5.62 -5.16 8.41
N GLY A 4 -4.54 -5.87 8.72
CA GLY A 4 -3.21 -5.30 8.62
C GLY A 4 -2.28 -6.11 7.75
N SER A 5 -1.02 -6.23 8.16
CA SER A 5 -0.04 -6.98 7.40
C SER A 5 -0.41 -8.46 7.33
N SER A 6 -0.48 -8.99 6.11
CA SER A 6 -0.84 -10.38 5.89
C SER A 6 0.27 -11.31 6.39
N GLY A 7 1.50 -11.04 5.95
CA GLY A 7 2.63 -11.85 6.37
C GLY A 7 3.90 -11.05 6.53
N GLU A 8 4.87 -11.29 5.66
CA GLU A 8 6.14 -10.59 5.72
C GLU A 8 6.05 -9.24 5.01
N LYS A 9 6.63 -8.22 5.63
CA LYS A 9 6.60 -6.87 5.05
C LYS A 9 7.61 -6.74 3.92
N LEU A 10 7.19 -7.14 2.72
CA LEU A 10 8.06 -7.07 1.54
C LEU A 10 8.19 -5.63 1.04
N HIS A 11 7.05 -4.97 0.90
CA HIS A 11 7.03 -3.58 0.44
C HIS A 11 6.14 -2.72 1.32
N GLU A 12 6.75 -1.84 2.10
CA GLU A 12 6.01 -0.96 3.00
C GLU A 12 5.90 0.44 2.41
N CYS A 13 4.89 1.18 2.84
CA CYS A 13 4.67 2.54 2.35
C CYS A 13 5.32 3.56 3.30
N ASN A 14 6.26 4.32 2.76
CA ASN A 14 6.96 5.34 3.54
C ASN A 14 6.17 6.64 3.59
N ASN A 15 4.85 6.53 3.41
CA ASN A 15 3.98 7.69 3.43
C ASN A 15 2.97 7.60 4.57
N CYS A 16 2.25 6.47 4.62
CA CYS A 16 1.26 6.25 5.66
C CYS A 16 1.73 5.20 6.65
N GLY A 17 2.20 4.08 6.12
CA GLY A 17 2.67 3.00 6.97
C GLY A 17 2.02 1.67 6.64
N LYS A 18 1.65 1.49 5.38
CA LYS A 18 1.00 0.26 4.94
C LYS A 18 2.04 -0.76 4.48
N ALA A 19 1.60 -1.99 4.26
CA ALA A 19 2.49 -3.05 3.81
C ALA A 19 1.89 -3.82 2.63
N PHE A 20 2.74 -4.25 1.71
CA PHE A 20 2.30 -4.98 0.54
C PHE A 20 3.33 -6.05 0.14
N SER A 21 2.86 -7.28 -0.03
CA SER A 21 3.73 -8.39 -0.41
C SER A 21 3.92 -8.43 -1.91
N PHE A 22 3.78 -7.28 -2.57
CA PHE A 22 3.94 -7.19 -4.01
C PHE A 22 4.34 -5.77 -4.42
N LYS A 23 5.61 -5.61 -4.76
CA LYS A 23 6.13 -4.31 -5.19
C LYS A 23 5.07 -3.52 -5.96
N SER A 24 4.55 -4.14 -7.03
CA SER A 24 3.54 -3.49 -7.85
C SER A 24 2.41 -2.95 -6.99
N GLN A 25 1.84 -3.80 -6.14
CA GLN A 25 0.75 -3.41 -5.27
C GLN A 25 1.07 -2.10 -4.56
N LEU A 26 2.15 -2.10 -3.79
CA LEU A 26 2.57 -0.91 -3.05
C LEU A 26 2.50 0.33 -3.95
N ILE A 27 3.00 0.20 -5.18
CA ILE A 27 3.01 1.30 -6.13
C ILE A 27 1.59 1.75 -6.44
N ILE A 28 0.69 0.79 -6.59
CA ILE A 28 -0.70 1.08 -6.90
C ILE A 28 -1.39 1.80 -5.74
N HIS A 29 -1.00 1.44 -4.52
CA HIS A 29 -1.57 2.05 -3.32
C HIS A 29 -1.08 3.49 -3.16
N GLN A 30 0.23 3.67 -3.22
CA GLN A 30 0.83 4.99 -3.08
C GLN A 30 0.14 5.99 -3.98
N ARG A 31 -0.57 5.50 -4.99
CA ARG A 31 -1.28 6.36 -5.92
C ARG A 31 -2.25 7.29 -5.19
N ILE A 32 -2.54 6.95 -3.94
CA ILE A 32 -3.44 7.75 -3.12
C ILE A 32 -2.72 8.96 -2.54
N HIS A 33 -1.42 8.83 -2.33
CA HIS A 33 -0.62 9.91 -1.78
C HIS A 33 -0.21 10.89 -2.88
N THR A 34 0.54 10.41 -3.86
CA THR A 34 1.00 11.24 -4.96
C THR A 34 -0.12 12.16 -5.45
N GLY A 35 -1.34 11.66 -5.43
CA GLY A 35 -2.48 12.45 -5.88
C GLY A 35 -3.53 11.61 -6.57
N GLU A 36 -3.44 11.52 -7.89
CA GLU A 36 -4.40 10.76 -8.67
C GLU A 36 -5.81 11.33 -8.53
N SER A 37 -5.92 12.65 -8.70
CA SER A 37 -7.21 13.32 -8.59
C SER A 37 -7.39 14.34 -9.71
N GLY A 38 -8.46 14.17 -10.49
CA GLY A 38 -8.72 15.08 -11.58
C GLY A 38 -10.20 15.19 -11.90
N PRO A 39 -10.51 15.68 -13.11
CA PRO A 39 -11.89 15.84 -13.57
C PRO A 39 -12.58 14.50 -13.83
N SER A 40 -11.86 13.41 -13.56
CA SER A 40 -12.40 12.07 -13.77
C SER A 40 -13.37 11.69 -12.66
N SER A 41 -14.10 10.61 -12.86
CA SER A 41 -15.07 10.14 -11.88
C SER A 41 -14.77 8.70 -11.47
N GLY A 42 -14.37 8.51 -10.21
CA GLY A 42 -14.07 7.18 -9.72
C GLY A 42 -14.68 6.91 -8.37
N GLY A 1 -10.12 -2.63 7.27
CA GLY A 1 -10.75 -3.51 6.31
C GLY A 1 -10.18 -4.91 6.35
N SER A 2 -9.67 -5.38 5.22
CA SER A 2 -9.09 -6.72 5.14
C SER A 2 -7.64 -6.71 5.60
N SER A 3 -7.21 -7.84 6.18
CA SER A 3 -5.84 -7.96 6.67
C SER A 3 -5.24 -9.31 6.27
N GLY A 4 -3.97 -9.30 5.89
CA GLY A 4 -3.30 -10.52 5.50
C GLY A 4 -1.79 -10.36 5.38
N SER A 5 -1.20 -9.74 6.40
CA SER A 5 0.24 -9.51 6.41
C SER A 5 0.82 -9.78 7.80
N SER A 6 1.73 -10.75 7.87
CA SER A 6 2.36 -11.11 9.14
C SER A 6 3.85 -10.79 9.11
N GLY A 7 4.19 -9.58 9.55
CA GLY A 7 5.58 -9.17 9.57
C GLY A 7 6.26 -9.33 8.23
N GLU A 8 7.58 -9.41 8.23
CA GLU A 8 8.35 -9.56 7.00
C GLU A 8 7.78 -8.67 5.90
N LYS A 9 7.51 -7.41 6.23
CA LYS A 9 6.97 -6.46 5.27
C LYS A 9 7.86 -6.34 4.05
N LEU A 10 7.47 -7.00 2.97
CA LEU A 10 8.24 -6.97 1.73
C LEU A 10 8.31 -5.57 1.16
N HIS A 11 7.15 -4.90 1.08
CA HIS A 11 7.08 -3.54 0.56
C HIS A 11 6.20 -2.67 1.45
N GLU A 12 6.84 -1.83 2.25
CA GLU A 12 6.12 -0.94 3.16
C GLU A 12 6.02 0.47 2.57
N CYS A 13 4.92 1.15 2.86
CA CYS A 13 4.72 2.51 2.37
C CYS A 13 5.36 3.53 3.30
N ASN A 14 6.32 4.29 2.76
CA ASN A 14 7.01 5.31 3.53
C ASN A 14 6.22 6.61 3.57
N ASN A 15 4.90 6.49 3.58
CA ASN A 15 4.02 7.66 3.62
C ASN A 15 2.98 7.54 4.72
N CYS A 16 2.29 6.39 4.74
CA CYS A 16 1.26 6.15 5.75
C CYS A 16 1.70 5.06 6.72
N GLY A 17 2.20 3.95 6.18
CA GLY A 17 2.65 2.85 7.02
C GLY A 17 1.99 1.54 6.65
N LYS A 18 1.74 1.34 5.36
CA LYS A 18 1.11 0.12 4.88
C LYS A 18 2.16 -0.87 4.37
N ALA A 19 1.70 -2.05 3.97
CA ALA A 19 2.58 -3.08 3.46
C ALA A 19 1.90 -3.90 2.37
N PHE A 20 2.64 -4.19 1.30
CA PHE A 20 2.11 -4.96 0.19
C PHE A 20 3.11 -6.03 -0.26
N SER A 21 2.88 -7.26 0.16
CA SER A 21 3.77 -8.37 -0.20
C SER A 21 4.28 -8.22 -1.62
N PHE A 22 3.47 -7.60 -2.47
CA PHE A 22 3.85 -7.38 -3.87
C PHE A 22 4.29 -5.94 -4.09
N LYS A 23 5.37 -5.77 -4.85
CA LYS A 23 5.90 -4.45 -5.15
C LYS A 23 4.89 -3.62 -5.92
N SER A 24 4.54 -4.07 -7.13
CA SER A 24 3.59 -3.37 -7.97
C SER A 24 2.41 -2.87 -7.15
N GLN A 25 1.85 -3.75 -6.32
CA GLN A 25 0.71 -3.40 -5.48
C GLN A 25 0.98 -2.11 -4.71
N LEU A 26 2.02 -2.14 -3.87
CA LEU A 26 2.38 -0.97 -3.07
C LEU A 26 2.36 0.30 -3.92
N ILE A 27 2.98 0.22 -5.10
CA ILE A 27 3.04 1.37 -6.01
C ILE A 27 1.64 1.86 -6.36
N ILE A 28 0.72 0.91 -6.55
CA ILE A 28 -0.66 1.25 -6.89
C ILE A 28 -1.34 1.99 -5.75
N HIS A 29 -1.04 1.58 -4.53
CA HIS A 29 -1.63 2.20 -3.34
C HIS A 29 -1.08 3.62 -3.15
N GLN A 30 0.24 3.74 -3.16
CA GLN A 30 0.88 5.05 -2.99
C GLN A 30 0.21 6.10 -3.85
N ARG A 31 -0.46 5.66 -4.91
CA ARG A 31 -1.15 6.57 -5.82
C ARG A 31 -2.05 7.54 -5.04
N ILE A 32 -2.60 7.06 -3.94
CA ILE A 32 -3.47 7.89 -3.10
C ILE A 32 -2.71 9.08 -2.52
N HIS A 33 -1.42 8.89 -2.28
CA HIS A 33 -0.58 9.95 -1.73
C HIS A 33 -0.21 10.95 -2.81
N THR A 34 0.41 10.47 -3.88
CA THR A 34 0.82 11.34 -4.98
C THR A 34 -0.37 12.12 -5.54
N GLY A 35 -1.51 11.44 -5.70
CA GLY A 35 -2.69 12.08 -6.21
C GLY A 35 -3.40 11.24 -7.27
N GLU A 36 -4.71 11.12 -7.15
CA GLU A 36 -5.50 10.35 -8.10
C GLU A 36 -6.88 10.97 -8.30
N SER A 37 -7.18 11.32 -9.55
CA SER A 37 -8.46 11.93 -9.87
C SER A 37 -9.42 10.90 -10.46
N GLY A 38 -8.92 10.09 -11.38
CA GLY A 38 -9.73 9.07 -12.01
C GLY A 38 -10.30 8.07 -11.00
N PRO A 39 -9.59 6.95 -10.81
CA PRO A 39 -10.00 5.90 -9.88
C PRO A 39 -9.86 6.33 -8.43
N SER A 40 -10.81 5.90 -7.59
CA SER A 40 -10.79 6.24 -6.18
C SER A 40 -11.87 5.50 -5.42
N SER A 41 -11.47 4.78 -4.37
CA SER A 41 -12.41 4.02 -3.57
C SER A 41 -11.75 3.51 -2.29
N GLY A 42 -12.55 3.25 -1.26
CA GLY A 42 -12.03 2.76 0.00
C GLY A 42 -11.65 3.89 0.94
N GLY A 1 3.70 -6.01 27.94
CA GLY A 1 4.47 -7.18 27.54
C GLY A 1 4.85 -7.14 26.07
N SER A 2 4.55 -8.23 25.36
CA SER A 2 4.87 -8.32 23.94
C SER A 2 3.61 -8.24 23.08
N SER A 3 3.74 -7.69 21.88
CA SER A 3 2.61 -7.55 20.98
C SER A 3 2.61 -8.67 19.93
N GLY A 4 1.50 -8.79 19.21
CA GLY A 4 1.40 -9.81 18.18
C GLY A 4 1.43 -9.24 16.78
N SER A 5 0.91 -10.00 15.82
CA SER A 5 0.88 -9.56 14.43
C SER A 5 2.29 -9.25 13.93
N SER A 6 3.24 -10.13 14.25
CA SER A 6 4.63 -9.94 13.84
C SER A 6 4.94 -10.75 12.59
N GLY A 7 5.58 -10.11 11.62
CA GLY A 7 5.93 -10.78 10.39
C GLY A 7 6.98 -10.05 9.60
N GLU A 8 6.74 -9.86 8.31
CA GLU A 8 7.68 -9.16 7.44
C GLU A 8 6.95 -8.22 6.48
N LYS A 9 7.60 -7.12 6.13
CA LYS A 9 7.02 -6.13 5.23
C LYS A 9 7.84 -6.02 3.95
N LEU A 10 7.60 -6.91 3.00
CA LEU A 10 8.32 -6.90 1.73
C LEU A 10 8.35 -5.49 1.14
N HIS A 11 7.19 -4.85 1.08
CA HIS A 11 7.08 -3.50 0.53
C HIS A 11 6.22 -2.62 1.43
N GLU A 12 6.85 -1.72 2.17
CA GLU A 12 6.14 -0.82 3.06
C GLU A 12 5.99 0.56 2.43
N CYS A 13 4.90 1.25 2.78
CA CYS A 13 4.63 2.58 2.25
C CYS A 13 5.27 3.65 3.13
N ASN A 14 6.20 4.41 2.57
CA ASN A 14 6.87 5.48 3.31
C ASN A 14 6.03 6.75 3.32
N ASN A 15 4.72 6.58 3.41
CA ASN A 15 3.80 7.72 3.44
C ASN A 15 2.79 7.58 4.57
N CYS A 16 2.11 6.44 4.60
CA CYS A 16 1.10 6.18 5.62
C CYS A 16 1.59 5.12 6.60
N GLY A 17 2.11 4.02 6.07
CA GLY A 17 2.60 2.95 6.91
C GLY A 17 1.96 1.61 6.58
N LYS A 18 1.72 1.37 5.30
CA LYS A 18 1.10 0.12 4.87
C LYS A 18 2.15 -0.85 4.33
N ALA A 19 1.72 -2.07 4.00
CA ALA A 19 2.62 -3.08 3.48
C ALA A 19 1.94 -3.92 2.41
N PHE A 20 2.67 -4.20 1.33
CA PHE A 20 2.13 -5.01 0.24
C PHE A 20 3.14 -6.06 -0.21
N SER A 21 2.94 -7.29 0.22
CA SER A 21 3.83 -8.39 -0.13
C SER A 21 4.36 -8.21 -1.55
N PHE A 22 3.52 -7.69 -2.43
CA PHE A 22 3.90 -7.47 -3.81
C PHE A 22 4.36 -6.03 -4.03
N LYS A 23 5.37 -5.85 -4.88
CA LYS A 23 5.91 -4.53 -5.18
C LYS A 23 4.88 -3.69 -5.93
N SER A 24 4.44 -4.18 -7.08
CA SER A 24 3.47 -3.47 -7.90
C SER A 24 2.32 -2.96 -7.04
N GLN A 25 1.73 -3.85 -6.25
CA GLN A 25 0.61 -3.50 -5.37
C GLN A 25 0.90 -2.19 -4.63
N LEU A 26 1.96 -2.19 -3.83
CA LEU A 26 2.34 -1.01 -3.06
C LEU A 26 2.34 0.23 -3.94
N ILE A 27 3.00 0.13 -5.09
CA ILE A 27 3.06 1.25 -6.03
C ILE A 27 1.68 1.75 -6.40
N ILE A 28 0.75 0.80 -6.58
CA ILE A 28 -0.62 1.15 -6.94
C ILE A 28 -1.31 1.89 -5.81
N HIS A 29 -1.05 1.48 -4.57
CA HIS A 29 -1.65 2.11 -3.41
C HIS A 29 -1.08 3.51 -3.19
N GLN A 30 0.25 3.61 -3.21
CA GLN A 30 0.92 4.89 -3.02
C GLN A 30 0.26 5.98 -3.85
N ARG A 31 -0.43 5.57 -4.91
CA ARG A 31 -1.12 6.52 -5.79
C ARG A 31 -2.00 7.48 -4.98
N ILE A 32 -2.61 6.96 -3.92
CA ILE A 32 -3.47 7.76 -3.07
C ILE A 32 -2.72 8.97 -2.50
N HIS A 33 -1.40 8.84 -2.40
CA HIS A 33 -0.57 9.92 -1.89
C HIS A 33 -0.12 10.85 -3.01
N THR A 34 0.59 10.29 -3.99
CA THR A 34 1.07 11.06 -5.12
C THR A 34 0.05 12.11 -5.55
N GLY A 35 -1.22 11.82 -5.31
CA GLY A 35 -2.28 12.75 -5.68
C GLY A 35 -3.66 12.13 -5.59
N GLU A 36 -3.81 10.96 -6.20
CA GLU A 36 -5.10 10.27 -6.20
C GLU A 36 -5.83 10.47 -4.87
N SER A 37 -6.96 11.15 -4.94
CA SER A 37 -7.76 11.43 -3.75
C SER A 37 -8.87 10.41 -3.58
N GLY A 38 -8.88 9.73 -2.44
CA GLY A 38 -9.90 8.73 -2.17
C GLY A 38 -10.40 8.77 -0.75
N PRO A 39 -11.37 9.66 -0.48
CA PRO A 39 -11.95 9.81 0.86
C PRO A 39 -12.81 8.62 1.25
N SER A 40 -12.19 7.67 1.96
CA SER A 40 -12.90 6.47 2.39
C SER A 40 -12.20 5.83 3.60
N SER A 41 -12.98 5.19 4.45
CA SER A 41 -12.43 4.54 5.65
C SER A 41 -13.34 3.41 6.11
N GLY A 42 -12.78 2.21 6.21
CA GLY A 42 -13.55 1.06 6.64
C GLY A 42 -13.48 -0.09 5.66
N GLY A 1 -13.05 -15.92 6.04
CA GLY A 1 -11.66 -15.51 6.19
C GLY A 1 -11.03 -16.07 7.45
N SER A 2 -9.71 -15.97 7.53
CA SER A 2 -8.98 -16.47 8.70
C SER A 2 -7.75 -15.61 8.99
N SER A 3 -7.82 -14.86 10.08
CA SER A 3 -6.71 -13.98 10.47
C SER A 3 -5.74 -14.71 11.42
N GLY A 4 -4.45 -14.48 11.20
CA GLY A 4 -3.46 -15.13 12.04
C GLY A 4 -2.45 -14.13 12.60
N SER A 5 -1.39 -13.88 11.85
CA SER A 5 -0.35 -12.95 12.28
C SER A 5 0.42 -12.40 11.09
N SER A 6 1.10 -11.27 11.30
CA SER A 6 1.87 -10.64 10.24
C SER A 6 3.28 -11.21 10.18
N GLY A 7 3.92 -11.05 9.03
CA GLY A 7 5.28 -11.56 8.85
C GLY A 7 6.27 -10.46 8.55
N GLU A 8 6.95 -10.57 7.42
CA GLU A 8 7.95 -9.58 7.02
C GLU A 8 7.37 -8.60 6.00
N LYS A 9 7.59 -7.32 6.23
CA LYS A 9 7.10 -6.28 5.32
C LYS A 9 7.96 -6.19 4.07
N LEU A 10 7.55 -6.89 3.02
CA LEU A 10 8.29 -6.89 1.77
C LEU A 10 8.34 -5.48 1.17
N HIS A 11 7.18 -4.84 1.07
CA HIS A 11 7.09 -3.49 0.52
C HIS A 11 6.19 -2.62 1.38
N GLU A 12 6.81 -1.78 2.22
CA GLU A 12 6.07 -0.90 3.10
C GLU A 12 5.97 0.50 2.50
N CYS A 13 4.92 1.22 2.86
CA CYS A 13 4.70 2.57 2.36
C CYS A 13 5.37 3.60 3.28
N ASN A 14 6.28 4.38 2.72
CA ASN A 14 6.99 5.41 3.49
C ASN A 14 6.18 6.70 3.54
N ASN A 15 4.86 6.56 3.57
CA ASN A 15 3.97 7.72 3.62
C ASN A 15 2.95 7.57 4.74
N CYS A 16 2.26 6.42 4.76
CA CYS A 16 1.25 6.16 5.78
C CYS A 16 1.72 5.06 6.73
N GLY A 17 2.23 3.96 6.17
CA GLY A 17 2.70 2.86 6.99
C GLY A 17 2.05 1.54 6.62
N LYS A 18 1.72 1.38 5.35
CA LYS A 18 1.08 0.16 4.86
C LYS A 18 2.12 -0.83 4.37
N ALA A 19 1.67 -1.99 3.91
CA ALA A 19 2.55 -3.02 3.40
C ALA A 19 1.88 -3.84 2.31
N PHE A 20 2.65 -4.23 1.30
CA PHE A 20 2.13 -5.02 0.19
C PHE A 20 3.13 -6.06 -0.26
N SER A 21 2.88 -7.31 0.10
CA SER A 21 3.78 -8.41 -0.27
C SER A 21 4.29 -8.24 -1.69
N PHE A 22 3.47 -7.64 -2.54
CA PHE A 22 3.85 -7.42 -3.94
C PHE A 22 4.27 -5.97 -4.16
N LYS A 23 5.38 -5.79 -4.88
CA LYS A 23 5.90 -4.46 -5.16
C LYS A 23 4.87 -3.63 -5.92
N SER A 24 4.52 -4.08 -7.12
CA SER A 24 3.55 -3.37 -7.95
C SER A 24 2.37 -2.89 -7.11
N GLN A 25 1.81 -3.79 -6.32
CA GLN A 25 0.67 -3.47 -5.47
C GLN A 25 0.93 -2.18 -4.68
N LEU A 26 1.97 -2.21 -3.86
CA LEU A 26 2.32 -1.04 -3.05
C LEU A 26 2.30 0.23 -3.90
N ILE A 27 2.95 0.18 -5.05
CA ILE A 27 3.00 1.32 -5.95
C ILE A 27 1.61 1.80 -6.32
N ILE A 28 0.70 0.85 -6.52
CA ILE A 28 -0.68 1.18 -6.88
C ILE A 28 -1.38 1.91 -5.74
N HIS A 29 -1.00 1.58 -4.51
CA HIS A 29 -1.59 2.21 -3.33
C HIS A 29 -1.05 3.63 -3.15
N GLN A 30 0.26 3.77 -3.22
CA GLN A 30 0.91 5.07 -3.05
C GLN A 30 0.22 6.13 -3.92
N ARG A 31 -0.50 5.66 -4.93
CA ARG A 31 -1.21 6.57 -5.84
C ARG A 31 -2.12 7.52 -5.07
N ILE A 32 -2.61 7.06 -3.91
CA ILE A 32 -3.49 7.85 -3.08
C ILE A 32 -2.74 9.02 -2.45
N HIS A 33 -1.44 8.85 -2.25
CA HIS A 33 -0.61 9.89 -1.66
C HIS A 33 -0.19 10.91 -2.71
N THR A 34 0.42 10.44 -3.78
CA THR A 34 0.88 11.31 -4.86
C THR A 34 -0.31 11.92 -5.61
N GLY A 35 -1.50 11.39 -5.36
CA GLY A 35 -2.69 11.88 -6.02
C GLY A 35 -2.73 11.51 -7.49
N GLU A 36 -3.49 10.46 -7.80
CA GLU A 36 -3.61 10.00 -9.19
C GLU A 36 -5.08 9.74 -9.54
N SER A 37 -5.32 9.43 -10.81
CA SER A 37 -6.68 9.15 -11.28
C SER A 37 -7.29 8.00 -10.50
N GLY A 38 -8.54 8.17 -10.08
CA GLY A 38 -9.23 7.14 -9.33
C GLY A 38 -10.48 7.65 -8.64
N PRO A 39 -11.51 6.79 -8.58
CA PRO A 39 -12.79 7.13 -7.95
C PRO A 39 -12.67 7.27 -6.44
N SER A 40 -11.53 6.88 -5.90
CA SER A 40 -11.29 6.95 -4.46
C SER A 40 -10.59 8.25 -4.09
N SER A 41 -9.44 8.50 -4.73
CA SER A 41 -8.68 9.71 -4.47
C SER A 41 -9.14 10.85 -5.37
N GLY A 42 -8.99 12.08 -4.88
CA GLY A 42 -9.40 13.24 -5.65
C GLY A 42 -10.90 13.36 -5.78
N GLY A 1 17.68 -17.57 17.88
CA GLY A 1 16.29 -17.13 17.92
C GLY A 1 16.10 -15.76 17.29
N SER A 2 16.48 -14.72 18.02
CA SER A 2 16.35 -13.35 17.52
C SER A 2 14.91 -13.08 17.07
N SER A 3 13.95 -13.49 17.90
CA SER A 3 12.54 -13.29 17.60
C SER A 3 12.07 -11.91 18.06
N GLY A 4 11.09 -11.36 17.36
CA GLY A 4 10.57 -10.06 17.71
C GLY A 4 9.59 -9.52 16.67
N SER A 5 9.94 -9.69 15.40
CA SER A 5 9.08 -9.22 14.31
C SER A 5 7.74 -9.95 14.32
N SER A 6 6.67 -9.19 14.12
CA SER A 6 5.32 -9.75 14.11
C SER A 6 4.69 -9.59 12.73
N GLY A 7 5.47 -9.84 11.69
CA GLY A 7 4.98 -9.73 10.34
C GLY A 7 5.94 -9.02 9.42
N GLU A 8 6.46 -9.76 8.43
CA GLU A 8 7.41 -9.20 7.48
C GLU A 8 6.72 -8.23 6.52
N LYS A 9 7.41 -7.15 6.16
CA LYS A 9 6.88 -6.16 5.25
C LYS A 9 7.72 -6.04 4.00
N LEU A 10 7.47 -6.92 3.04
CA LEU A 10 8.23 -6.92 1.78
C LEU A 10 8.31 -5.50 1.21
N HIS A 11 7.16 -4.86 1.07
CA HIS A 11 7.11 -3.50 0.54
C HIS A 11 6.18 -2.63 1.38
N GLU A 12 6.78 -1.81 2.24
CA GLU A 12 6.01 -0.91 3.10
C GLU A 12 5.91 0.49 2.49
N CYS A 13 4.87 1.21 2.87
CA CYS A 13 4.65 2.56 2.36
C CYS A 13 5.31 3.60 3.26
N ASN A 14 6.24 4.36 2.70
CA ASN A 14 6.95 5.39 3.46
C ASN A 14 6.14 6.68 3.49
N ASN A 15 4.82 6.55 3.54
CA ASN A 15 3.93 7.71 3.59
C ASN A 15 2.91 7.57 4.70
N CYS A 16 2.24 6.41 4.76
CA CYS A 16 1.25 6.15 5.77
C CYS A 16 1.70 5.05 6.72
N GLY A 17 2.23 3.96 6.15
CA GLY A 17 2.69 2.86 6.96
C GLY A 17 2.05 1.54 6.56
N LYS A 18 1.67 1.42 5.30
CA LYS A 18 1.05 0.20 4.80
C LYS A 18 2.10 -0.79 4.32
N ALA A 19 1.64 -1.98 3.93
CA ALA A 19 2.55 -3.02 3.46
C ALA A 19 1.90 -3.86 2.35
N PHE A 20 2.70 -4.25 1.37
CA PHE A 20 2.20 -5.03 0.26
C PHE A 20 3.23 -6.09 -0.17
N SER A 21 2.93 -7.35 0.13
CA SER A 21 3.83 -8.44 -0.21
C SER A 21 4.33 -8.31 -1.65
N PHE A 22 3.56 -7.58 -2.46
CA PHE A 22 3.93 -7.38 -3.86
C PHE A 22 4.32 -5.93 -4.11
N LYS A 23 5.42 -5.74 -4.83
CA LYS A 23 5.91 -4.40 -5.15
C LYS A 23 4.85 -3.59 -5.90
N SER A 24 4.53 -4.05 -7.11
CA SER A 24 3.52 -3.38 -7.93
C SER A 24 2.35 -2.91 -7.09
N GLN A 25 1.76 -3.84 -6.32
CA GLN A 25 0.63 -3.52 -5.47
C GLN A 25 0.87 -2.23 -4.69
N LEU A 26 1.99 -2.19 -3.97
CA LEU A 26 2.34 -1.01 -3.18
C LEU A 26 2.30 0.25 -4.02
N ILE A 27 2.96 0.21 -5.19
CA ILE A 27 2.99 1.34 -6.09
C ILE A 27 1.58 1.80 -6.44
N ILE A 28 0.66 0.85 -6.54
CA ILE A 28 -0.73 1.17 -6.88
C ILE A 28 -1.41 1.92 -5.73
N HIS A 29 -1.06 1.55 -4.50
CA HIS A 29 -1.63 2.20 -3.32
C HIS A 29 -1.06 3.59 -3.13
N GLN A 30 0.27 3.69 -3.19
CA GLN A 30 0.95 4.96 -3.01
C GLN A 30 0.31 6.05 -3.86
N ARG A 31 -0.41 5.63 -4.89
CA ARG A 31 -1.08 6.56 -5.79
C ARG A 31 -1.97 7.53 -5.01
N ILE A 32 -2.52 7.05 -3.90
CA ILE A 32 -3.38 7.88 -3.07
C ILE A 32 -2.60 9.03 -2.44
N HIS A 33 -1.30 8.83 -2.26
CA HIS A 33 -0.45 9.86 -1.69
C HIS A 33 0.00 10.87 -2.74
N THR A 34 0.34 10.36 -3.93
CA THR A 34 0.78 11.20 -5.03
C THR A 34 -0.40 11.66 -5.88
N GLY A 35 -1.50 11.97 -5.24
CA GLY A 35 -2.69 12.41 -5.95
C GLY A 35 -3.13 11.42 -7.01
N GLU A 36 -3.68 10.29 -6.57
CA GLU A 36 -4.14 9.25 -7.49
C GLU A 36 -4.96 9.86 -8.63
N SER A 37 -4.45 9.72 -9.85
CA SER A 37 -5.12 10.26 -11.03
C SER A 37 -6.03 9.22 -11.66
N GLY A 38 -7.21 9.02 -11.07
CA GLY A 38 -8.15 8.05 -11.60
C GLY A 38 -9.58 8.47 -11.42
N PRO A 39 -10.43 8.12 -12.39
CA PRO A 39 -11.86 8.46 -12.36
C PRO A 39 -12.62 7.70 -11.27
N SER A 40 -12.24 6.44 -11.05
CA SER A 40 -12.89 5.62 -10.04
C SER A 40 -12.23 5.80 -8.68
N SER A 41 -12.73 6.77 -7.92
CA SER A 41 -12.19 7.06 -6.59
C SER A 41 -12.20 5.81 -5.73
N GLY A 42 -11.24 5.74 -4.80
CA GLY A 42 -11.14 4.60 -3.92
C GLY A 42 -9.75 3.98 -3.92
N GLY A 1 -8.72 -10.42 -3.27
CA GLY A 1 -9.32 -10.02 -2.01
C GLY A 1 -8.80 -8.67 -1.54
N SER A 2 -9.63 -7.95 -0.78
CA SER A 2 -9.25 -6.64 -0.26
C SER A 2 -8.35 -6.79 0.96
N SER A 3 -8.76 -7.64 1.90
CA SER A 3 -7.98 -7.86 3.11
C SER A 3 -6.51 -8.03 2.80
N GLY A 4 -5.67 -7.34 3.56
CA GLY A 4 -4.23 -7.44 3.34
C GLY A 4 -3.65 -8.74 3.83
N SER A 5 -2.56 -9.18 3.20
CA SER A 5 -1.92 -10.44 3.58
C SER A 5 -0.99 -10.23 4.77
N SER A 6 -1.53 -10.45 5.96
CA SER A 6 -0.75 -10.28 7.19
C SER A 6 0.38 -11.31 7.26
N GLY A 7 1.56 -10.84 7.64
CA GLY A 7 2.71 -11.72 7.73
C GLY A 7 4.02 -10.97 7.73
N GLU A 8 4.38 -10.39 6.58
CA GLU A 8 5.62 -9.63 6.46
C GLU A 8 5.38 -8.31 5.75
N LYS A 9 6.39 -7.44 5.77
CA LYS A 9 6.29 -6.14 5.13
C LYS A 9 7.26 -6.03 3.96
N LEU A 10 7.20 -7.01 3.07
CA LEU A 10 8.08 -7.03 1.90
C LEU A 10 8.21 -5.65 1.30
N HIS A 11 7.08 -4.95 1.16
CA HIS A 11 7.08 -3.60 0.60
C HIS A 11 6.20 -2.68 1.43
N GLU A 12 6.83 -1.88 2.29
CA GLU A 12 6.09 -0.95 3.14
C GLU A 12 5.99 0.43 2.49
N CYS A 13 4.93 1.15 2.83
CA CYS A 13 4.71 2.49 2.27
C CYS A 13 5.39 3.55 3.13
N ASN A 14 6.22 4.37 2.49
CA ASN A 14 6.93 5.44 3.20
C ASN A 14 6.08 6.71 3.24
N ASN A 15 4.77 6.55 3.25
CA ASN A 15 3.86 7.69 3.29
C ASN A 15 2.89 7.57 4.45
N CYS A 16 2.27 6.39 4.58
CA CYS A 16 1.31 6.14 5.66
C CYS A 16 1.84 5.08 6.62
N GLY A 17 2.31 3.97 6.06
CA GLY A 17 2.83 2.89 6.88
C GLY A 17 2.19 1.55 6.57
N LYS A 18 1.75 1.39 5.33
CA LYS A 18 1.11 0.15 4.89
C LYS A 18 2.16 -0.85 4.38
N ALA A 19 1.69 -2.02 3.97
CA ALA A 19 2.58 -3.05 3.45
C ALA A 19 1.90 -3.87 2.35
N PHE A 20 2.68 -4.29 1.37
CA PHE A 20 2.15 -5.08 0.26
C PHE A 20 3.15 -6.14 -0.18
N SER A 21 2.87 -7.40 0.15
CA SER A 21 3.75 -8.50 -0.20
C SER A 21 4.28 -8.34 -1.63
N PHE A 22 3.51 -7.66 -2.46
CA PHE A 22 3.90 -7.42 -3.85
C PHE A 22 4.34 -5.97 -4.06
N LYS A 23 5.45 -5.81 -4.79
CA LYS A 23 5.98 -4.48 -5.05
C LYS A 23 4.97 -3.64 -5.83
N SER A 24 4.65 -4.08 -7.04
CA SER A 24 3.70 -3.36 -7.88
C SER A 24 2.49 -2.88 -7.06
N GLN A 25 1.93 -3.79 -6.27
CA GLN A 25 0.78 -3.46 -5.44
C GLN A 25 1.02 -2.16 -4.65
N LEU A 26 2.07 -2.19 -3.83
CA LEU A 26 2.42 -1.02 -3.01
C LEU A 26 2.39 0.25 -3.85
N ILE A 27 3.02 0.19 -5.03
CA ILE A 27 3.06 1.34 -5.92
C ILE A 27 1.66 1.78 -6.33
N ILE A 28 0.77 0.81 -6.52
CA ILE A 28 -0.61 1.11 -6.91
C ILE A 28 -1.35 1.82 -5.78
N HIS A 29 -0.96 1.54 -4.55
CA HIS A 29 -1.59 2.15 -3.39
C HIS A 29 -1.09 3.58 -3.18
N GLN A 30 0.22 3.76 -3.27
CA GLN A 30 0.83 5.07 -3.10
C GLN A 30 0.14 6.10 -3.98
N ARG A 31 -0.60 5.63 -4.98
CA ARG A 31 -1.31 6.52 -5.89
C ARG A 31 -2.26 7.43 -5.12
N ILE A 32 -2.65 7.00 -3.93
CA ILE A 32 -3.56 7.77 -3.10
C ILE A 32 -2.84 8.94 -2.43
N HIS A 33 -1.52 8.83 -2.32
CA HIS A 33 -0.71 9.87 -1.70
C HIS A 33 -0.35 10.95 -2.71
N THR A 34 0.47 10.60 -3.69
CA THR A 34 0.89 11.54 -4.71
C THR A 34 -0.28 12.42 -5.17
N GLY A 35 -1.42 11.79 -5.40
CA GLY A 35 -2.60 12.54 -5.84
C GLY A 35 -3.17 12.01 -7.14
N GLU A 36 -3.68 10.78 -7.11
CA GLU A 36 -4.26 10.16 -8.30
C GLU A 36 -4.90 8.82 -7.95
N SER A 37 -6.14 8.63 -8.39
CA SER A 37 -6.86 7.39 -8.12
C SER A 37 -7.57 6.90 -9.38
N GLY A 38 -6.85 6.13 -10.20
CA GLY A 38 -7.41 5.61 -11.42
C GLY A 38 -8.42 4.51 -11.17
N PRO A 39 -7.97 3.25 -11.25
CA PRO A 39 -8.82 2.08 -11.04
C PRO A 39 -9.25 1.93 -9.58
N SER A 40 -10.16 1.00 -9.32
CA SER A 40 -10.65 0.76 -7.97
C SER A 40 -11.33 2.01 -7.40
N SER A 41 -12.20 2.60 -8.20
CA SER A 41 -12.92 3.81 -7.79
C SER A 41 -14.37 3.76 -8.23
N GLY A 42 -15.28 4.02 -7.30
CA GLY A 42 -16.69 4.00 -7.61
C GLY A 42 -17.55 4.51 -6.47
N GLY A 1 -9.96 -4.64 15.05
CA GLY A 1 -9.85 -4.12 16.40
C GLY A 1 -8.41 -4.06 16.88
N SER A 2 -7.99 -5.07 17.63
CA SER A 2 -6.64 -5.13 18.16
C SER A 2 -5.97 -6.45 17.82
N SER A 3 -5.20 -6.46 16.74
CA SER A 3 -4.51 -7.67 16.30
C SER A 3 -3.40 -7.33 15.30
N GLY A 4 -2.29 -8.05 15.40
CA GLY A 4 -1.18 -7.80 14.50
C GLY A 4 0.02 -8.69 14.80
N SER A 5 0.42 -9.50 13.83
CA SER A 5 1.55 -10.41 14.00
C SER A 5 2.76 -9.91 13.21
N SER A 6 3.83 -9.57 13.92
CA SER A 6 5.05 -9.09 13.29
C SER A 6 5.69 -10.18 12.45
N GLY A 7 5.70 -9.98 11.14
CA GLY A 7 6.30 -10.96 10.24
C GLY A 7 7.35 -10.35 9.33
N GLU A 8 7.18 -10.52 8.03
CA GLU A 8 8.13 -9.99 7.06
C GLU A 8 7.45 -9.00 6.12
N LYS A 9 7.89 -7.75 6.16
CA LYS A 9 7.32 -6.71 5.32
C LYS A 9 8.13 -6.55 4.03
N LEU A 10 7.67 -7.19 2.97
CA LEU A 10 8.35 -7.11 1.68
C LEU A 10 8.40 -5.68 1.17
N HIS A 11 7.25 -5.02 1.14
CA HIS A 11 7.16 -3.65 0.68
C HIS A 11 6.28 -2.81 1.61
N GLU A 12 6.85 -1.75 2.17
CA GLU A 12 6.11 -0.88 3.08
C GLU A 12 5.94 0.51 2.47
N CYS A 13 4.86 1.18 2.85
CA CYS A 13 4.58 2.52 2.35
C CYS A 13 5.18 3.59 3.26
N ASN A 14 6.21 4.27 2.78
CA ASN A 14 6.86 5.31 3.55
C ASN A 14 5.98 6.55 3.66
N ASN A 15 4.78 6.47 3.08
CA ASN A 15 3.84 7.58 3.13
C ASN A 15 2.92 7.48 4.34
N CYS A 16 2.22 6.35 4.44
CA CYS A 16 1.30 6.12 5.55
C CYS A 16 1.86 5.07 6.51
N GLY A 17 2.32 3.96 5.95
CA GLY A 17 2.87 2.90 6.77
C GLY A 17 2.23 1.55 6.48
N LYS A 18 1.71 1.39 5.27
CA LYS A 18 1.07 0.14 4.87
C LYS A 18 2.10 -0.88 4.40
N ALA A 19 1.62 -2.06 4.01
CA ALA A 19 2.50 -3.11 3.54
C ALA A 19 1.85 -3.91 2.41
N PHE A 20 2.61 -4.18 1.36
CA PHE A 20 2.09 -4.94 0.22
C PHE A 20 3.11 -6.00 -0.22
N SER A 21 2.86 -7.23 0.19
CA SER A 21 3.75 -8.34 -0.16
C SER A 21 4.29 -8.17 -1.59
N PHE A 22 3.47 -7.60 -2.45
CA PHE A 22 3.85 -7.38 -3.84
C PHE A 22 4.33 -5.95 -4.06
N LYS A 23 5.41 -5.80 -4.83
CA LYS A 23 5.96 -4.48 -5.11
C LYS A 23 4.96 -3.61 -5.87
N SER A 24 4.49 -4.12 -7.01
CA SER A 24 3.52 -3.39 -7.83
C SER A 24 2.37 -2.87 -6.98
N GLN A 25 1.78 -3.76 -6.19
CA GLN A 25 0.66 -3.39 -5.32
C GLN A 25 0.96 -2.10 -4.57
N LEU A 26 2.02 -2.13 -3.76
CA LEU A 26 2.41 -0.96 -2.98
C LEU A 26 2.41 0.30 -3.85
N ILE A 27 3.04 0.21 -5.01
CA ILE A 27 3.11 1.34 -5.93
C ILE A 27 1.72 1.83 -6.31
N ILE A 28 0.81 0.88 -6.54
CA ILE A 28 -0.56 1.22 -6.91
C ILE A 28 -1.27 1.96 -5.77
N HIS A 29 -1.01 1.53 -4.55
CA HIS A 29 -1.63 2.16 -3.38
C HIS A 29 -1.10 3.58 -3.19
N GLN A 30 0.22 3.71 -3.19
CA GLN A 30 0.85 5.02 -3.02
C GLN A 30 0.16 6.07 -3.88
N ARG A 31 -0.47 5.63 -4.96
CA ARG A 31 -1.17 6.53 -5.87
C ARG A 31 -2.07 7.50 -5.09
N ILE A 32 -2.60 7.03 -3.97
CA ILE A 32 -3.47 7.85 -3.14
C ILE A 32 -2.71 9.03 -2.55
N HIS A 33 -1.43 8.83 -2.27
CA HIS A 33 -0.59 9.88 -1.70
C HIS A 33 -0.18 10.88 -2.78
N THR A 34 0.28 10.36 -3.91
CA THR A 34 0.71 11.22 -5.02
C THR A 34 -0.48 11.74 -5.81
N GLY A 35 -1.50 12.20 -5.09
CA GLY A 35 -2.69 12.72 -5.73
C GLY A 35 -3.07 11.94 -6.96
N GLU A 36 -3.95 10.95 -6.78
CA GLU A 36 -4.40 10.11 -7.89
C GLU A 36 -4.80 10.97 -9.09
N SER A 37 -5.57 12.02 -8.82
CA SER A 37 -6.03 12.91 -9.88
C SER A 37 -6.97 12.19 -10.83
N GLY A 38 -7.88 11.39 -10.27
CA GLY A 38 -8.83 10.64 -11.07
C GLY A 38 -10.24 11.17 -10.93
N PRO A 39 -11.23 10.32 -11.25
CA PRO A 39 -12.64 10.67 -11.16
C PRO A 39 -13.11 10.83 -9.72
N SER A 40 -14.01 11.78 -9.49
CA SER A 40 -14.54 12.03 -8.16
C SER A 40 -15.69 11.09 -7.84
N SER A 41 -15.38 9.97 -7.20
CA SER A 41 -16.38 8.98 -6.85
C SER A 41 -15.86 8.02 -5.78
N GLY A 42 -16.38 8.15 -4.57
CA GLY A 42 -15.95 7.30 -3.47
C GLY A 42 -16.69 5.97 -3.46
N GLY A 1 1.78 -24.86 7.68
CA GLY A 1 2.90 -25.07 8.56
C GLY A 1 3.75 -23.83 8.74
N SER A 2 3.44 -23.03 9.76
CA SER A 2 4.17 -21.80 10.03
C SER A 2 5.66 -21.99 9.79
N SER A 3 6.31 -20.96 9.26
CA SER A 3 7.74 -21.02 8.97
C SER A 3 8.55 -20.46 10.13
N GLY A 4 7.96 -19.49 10.84
CA GLY A 4 8.64 -18.88 11.97
C GLY A 4 8.92 -17.41 11.75
N SER A 5 7.86 -16.64 11.51
CA SER A 5 7.99 -15.20 11.28
C SER A 5 6.69 -14.48 11.59
N SER A 6 6.80 -13.32 12.23
CA SER A 6 5.62 -12.53 12.57
C SER A 6 5.23 -11.60 11.43
N GLY A 7 4.24 -12.02 10.65
CA GLY A 7 3.78 -11.21 9.53
C GLY A 7 4.78 -11.19 8.39
N GLU A 8 4.68 -10.18 7.54
CA GLU A 8 5.57 -10.05 6.39
C GLU A 8 5.42 -8.67 5.73
N LYS A 9 6.48 -7.89 5.75
CA LYS A 9 6.47 -6.56 5.14
C LYS A 9 7.51 -6.45 4.04
N LEU A 10 7.21 -7.02 2.88
CA LEU A 10 8.13 -6.99 1.75
C LEU A 10 8.25 -5.57 1.18
N HIS A 11 7.11 -4.89 1.09
CA HIS A 11 7.07 -3.53 0.56
C HIS A 11 6.20 -2.64 1.44
N GLU A 12 6.84 -1.81 2.27
CA GLU A 12 6.12 -0.91 3.16
C GLU A 12 6.00 0.48 2.54
N CYS A 13 4.95 1.20 2.90
CA CYS A 13 4.72 2.54 2.38
C CYS A 13 5.37 3.59 3.29
N ASN A 14 6.31 4.34 2.73
CA ASN A 14 7.00 5.37 3.50
C ASN A 14 6.19 6.67 3.50
N ASN A 15 4.87 6.53 3.55
CA ASN A 15 3.99 7.69 3.57
C ASN A 15 2.95 7.57 4.69
N CYS A 16 2.25 6.45 4.71
CA CYS A 16 1.22 6.20 5.72
C CYS A 16 1.68 5.13 6.70
N GLY A 17 2.18 4.02 6.17
CA GLY A 17 2.65 2.93 7.02
C GLY A 17 1.99 1.60 6.68
N LYS A 18 1.76 1.37 5.39
CA LYS A 18 1.13 0.14 4.94
C LYS A 18 2.18 -0.83 4.39
N ALA A 19 1.73 -2.01 3.98
CA ALA A 19 2.62 -3.03 3.45
C ALA A 19 1.93 -3.85 2.37
N PHE A 20 2.70 -4.22 1.34
CA PHE A 20 2.16 -5.01 0.23
C PHE A 20 3.17 -6.05 -0.24
N SER A 21 2.93 -7.31 0.12
CA SER A 21 3.82 -8.40 -0.26
C SER A 21 4.36 -8.20 -1.67
N PHE A 22 3.53 -7.64 -2.54
CA PHE A 22 3.93 -7.39 -3.91
C PHE A 22 4.40 -5.94 -4.09
N LYS A 23 5.43 -5.75 -4.92
CA LYS A 23 5.97 -4.42 -5.18
C LYS A 23 4.98 -3.59 -5.98
N SER A 24 4.51 -4.15 -7.09
CA SER A 24 3.57 -3.44 -7.95
C SER A 24 2.37 -2.94 -7.15
N GLN A 25 1.80 -3.80 -6.32
CA GLN A 25 0.66 -3.43 -5.50
C GLN A 25 0.93 -2.15 -4.72
N LEU A 26 1.98 -2.16 -3.91
CA LEU A 26 2.35 -1.00 -3.11
C LEU A 26 2.30 0.27 -3.95
N ILE A 27 2.92 0.22 -5.13
CA ILE A 27 2.95 1.36 -6.03
C ILE A 27 1.53 1.84 -6.36
N ILE A 28 0.63 0.90 -6.58
CA ILE A 28 -0.75 1.22 -6.90
C ILE A 28 -1.42 1.96 -5.75
N HIS A 29 -1.07 1.56 -4.53
CA HIS A 29 -1.64 2.18 -3.33
C HIS A 29 -1.08 3.58 -3.13
N GLN A 30 0.25 3.69 -3.14
CA GLN A 30 0.91 4.98 -2.96
C GLN A 30 0.27 6.05 -3.85
N ARG A 31 -0.40 5.61 -4.90
CA ARG A 31 -1.06 6.54 -5.82
C ARG A 31 -1.97 7.50 -5.07
N ILE A 32 -2.57 7.00 -3.99
CA ILE A 32 -3.48 7.82 -3.18
C ILE A 32 -2.75 9.04 -2.61
N HIS A 33 -1.47 8.87 -2.30
CA HIS A 33 -0.67 9.95 -1.75
C HIS A 33 -0.29 10.96 -2.83
N THR A 34 0.49 10.50 -3.81
CA THR A 34 0.92 11.35 -4.91
C THR A 34 -0.27 12.07 -5.55
N GLY A 35 -1.45 11.50 -5.38
CA GLY A 35 -2.65 12.10 -5.95
C GLY A 35 -3.20 11.29 -7.11
N GLU A 36 -4.46 10.88 -6.99
CA GLU A 36 -5.11 10.09 -8.04
C GLU A 36 -6.30 10.83 -8.63
N SER A 37 -6.72 10.43 -9.82
CA SER A 37 -7.86 11.06 -10.48
C SER A 37 -9.17 10.48 -9.99
N GLY A 38 -9.33 9.17 -10.12
CA GLY A 38 -10.55 8.51 -9.68
C GLY A 38 -11.18 7.67 -10.77
N PRO A 39 -10.70 6.42 -10.90
CA PRO A 39 -11.19 5.48 -11.90
C PRO A 39 -12.62 5.01 -11.60
N SER A 40 -12.84 4.59 -10.35
CA SER A 40 -14.16 4.12 -9.94
C SER A 40 -14.67 4.91 -8.73
N SER A 41 -15.97 4.88 -8.52
CA SER A 41 -16.59 5.60 -7.41
C SER A 41 -16.98 4.64 -6.29
N GLY A 42 -16.14 4.57 -5.27
CA GLY A 42 -16.42 3.68 -4.15
C GLY A 42 -16.75 4.44 -2.88
N GLY A 1 -3.87 -20.50 18.10
CA GLY A 1 -3.51 -21.90 18.12
C GLY A 1 -2.49 -22.26 17.05
N SER A 2 -1.41 -21.48 16.99
CA SER A 2 -0.37 -21.71 16.00
C SER A 2 -0.88 -21.44 14.59
N SER A 3 -1.64 -20.36 14.44
CA SER A 3 -2.19 -19.99 13.14
C SER A 3 -2.28 -18.47 13.00
N GLY A 4 -1.48 -17.92 12.11
CA GLY A 4 -1.48 -16.48 11.89
C GLY A 4 -0.35 -15.79 12.62
N SER A 5 0.86 -15.91 12.08
CA SER A 5 2.04 -15.30 12.68
C SER A 5 2.54 -14.13 11.83
N SER A 6 2.57 -12.95 12.43
CA SER A 6 3.02 -11.75 11.72
C SER A 6 4.15 -12.09 10.74
N GLY A 7 4.10 -11.48 9.56
CA GLY A 7 5.13 -11.73 8.56
C GLY A 7 5.89 -10.47 8.19
N GLU A 8 7.17 -10.63 7.87
CA GLU A 8 8.01 -9.50 7.50
C GLU A 8 7.35 -8.66 6.41
N LYS A 9 7.72 -7.38 6.35
CA LYS A 9 7.15 -6.47 5.35
C LYS A 9 8.06 -6.39 4.12
N LEU A 10 7.54 -6.87 2.99
CA LEU A 10 8.31 -6.85 1.74
C LEU A 10 8.35 -5.44 1.16
N HIS A 11 7.18 -4.79 1.08
CA HIS A 11 7.09 -3.44 0.55
C HIS A 11 6.21 -2.57 1.44
N GLU A 12 6.85 -1.79 2.31
CA GLU A 12 6.13 -0.90 3.21
C GLU A 12 6.03 0.50 2.63
N CYS A 13 4.86 1.11 2.77
CA CYS A 13 4.64 2.47 2.26
C CYS A 13 5.31 3.50 3.15
N ASN A 14 6.17 4.33 2.55
CA ASN A 14 6.88 5.36 3.29
C ASN A 14 6.06 6.66 3.33
N ASN A 15 4.74 6.53 3.40
CA ASN A 15 3.86 7.69 3.44
C ASN A 15 2.84 7.56 4.57
N CYS A 16 2.20 6.38 4.64
CA CYS A 16 1.20 6.13 5.67
C CYS A 16 1.69 5.06 6.65
N GLY A 17 2.22 3.97 6.10
CA GLY A 17 2.71 2.89 6.94
C GLY A 17 2.08 1.55 6.60
N LYS A 18 1.73 1.37 5.33
CA LYS A 18 1.11 0.14 4.88
C LYS A 18 2.16 -0.86 4.40
N ALA A 19 1.72 -2.04 3.98
CA ALA A 19 2.62 -3.07 3.51
C ALA A 19 1.95 -3.93 2.42
N PHE A 20 2.68 -4.17 1.34
CA PHE A 20 2.17 -4.98 0.24
C PHE A 20 3.19 -6.01 -0.21
N SER A 21 3.00 -7.26 0.24
CA SER A 21 3.91 -8.33 -0.11
C SER A 21 4.45 -8.16 -1.53
N PHE A 22 3.61 -7.63 -2.41
CA PHE A 22 3.99 -7.41 -3.80
C PHE A 22 4.42 -5.96 -4.02
N LYS A 23 5.43 -5.77 -4.87
CA LYS A 23 5.94 -4.44 -5.17
C LYS A 23 4.90 -3.61 -5.93
N SER A 24 4.47 -4.12 -7.08
CA SER A 24 3.48 -3.43 -7.89
C SER A 24 2.31 -2.95 -7.04
N GLN A 25 1.76 -3.86 -6.25
CA GLN A 25 0.62 -3.54 -5.38
C GLN A 25 0.88 -2.23 -4.62
N LEU A 26 1.98 -2.19 -3.89
CA LEU A 26 2.35 -1.00 -3.11
C LEU A 26 2.29 0.24 -3.99
N ILE A 27 2.91 0.17 -5.16
CA ILE A 27 2.94 1.30 -6.09
C ILE A 27 1.52 1.74 -6.45
N ILE A 28 0.62 0.77 -6.58
CA ILE A 28 -0.77 1.06 -6.91
C ILE A 28 -1.48 1.78 -5.77
N HIS A 29 -1.07 1.47 -4.54
CA HIS A 29 -1.66 2.09 -3.36
C HIS A 29 -1.15 3.52 -3.18
N GLN A 30 0.16 3.69 -3.26
CA GLN A 30 0.78 5.00 -3.11
C GLN A 30 0.08 6.03 -3.98
N ARG A 31 -0.66 5.56 -4.99
CA ARG A 31 -1.37 6.43 -5.90
C ARG A 31 -2.31 7.37 -5.13
N ILE A 32 -2.65 6.97 -3.91
CA ILE A 32 -3.54 7.76 -3.07
C ILE A 32 -2.79 8.93 -2.43
N HIS A 33 -1.48 8.80 -2.34
CA HIS A 33 -0.63 9.84 -1.74
C HIS A 33 -0.18 10.84 -2.80
N THR A 34 0.63 10.37 -3.74
CA THR A 34 1.14 11.22 -4.81
C THR A 34 0.10 12.25 -5.22
N GLY A 35 -1.15 11.81 -5.36
CA GLY A 35 -2.22 12.72 -5.75
C GLY A 35 -2.86 12.31 -7.06
N GLU A 36 -2.07 11.80 -7.98
CA GLU A 36 -2.58 11.36 -9.28
C GLU A 36 -3.97 10.75 -9.14
N SER A 37 -4.80 10.94 -10.16
CA SER A 37 -6.16 10.41 -10.15
C SER A 37 -6.15 8.89 -10.01
N GLY A 38 -7.34 8.31 -9.96
CA GLY A 38 -7.45 6.86 -9.83
C GLY A 38 -8.88 6.38 -9.91
N PRO A 39 -9.07 5.05 -9.85
CA PRO A 39 -10.39 4.44 -9.92
C PRO A 39 -11.23 4.71 -8.68
N SER A 40 -12.09 5.71 -8.76
CA SER A 40 -12.95 6.08 -7.64
C SER A 40 -14.42 6.09 -8.06
N SER A 41 -14.81 5.08 -8.84
CA SER A 41 -16.20 4.98 -9.32
C SER A 41 -16.71 6.35 -9.76
N GLY A 42 -15.88 7.09 -10.48
CA GLY A 42 -16.26 8.40 -10.95
C GLY A 42 -16.96 8.35 -12.30
N GLY A 1 -16.24 -9.23 10.12
CA GLY A 1 -15.16 -8.58 9.40
C GLY A 1 -13.94 -9.47 9.27
N SER A 2 -13.41 -9.56 8.05
CA SER A 2 -12.24 -10.38 7.79
C SER A 2 -10.98 -9.54 7.73
N SER A 3 -10.41 -9.23 8.89
CA SER A 3 -9.20 -8.42 8.98
C SER A 3 -7.96 -9.30 9.09
N GLY A 4 -6.79 -8.68 9.04
CA GLY A 4 -5.54 -9.42 9.14
C GLY A 4 -4.63 -9.19 7.95
N SER A 5 -3.38 -9.61 8.08
CA SER A 5 -2.41 -9.44 7.02
C SER A 5 -1.24 -10.40 7.18
N SER A 6 -0.43 -10.55 6.13
CA SER A 6 0.71 -11.45 6.17
C SER A 6 1.73 -10.99 7.19
N GLY A 7 2.48 -11.94 7.75
CA GLY A 7 3.48 -11.61 8.74
C GLY A 7 4.78 -11.12 8.12
N GLU A 8 4.66 -10.37 7.04
CA GLU A 8 5.83 -9.84 6.35
C GLU A 8 5.56 -8.44 5.78
N LYS A 9 6.62 -7.71 5.49
CA LYS A 9 6.49 -6.37 4.94
C LYS A 9 7.42 -6.17 3.75
N LEU A 10 7.32 -7.08 2.78
CA LEU A 10 8.15 -7.01 1.58
C LEU A 10 8.23 -5.58 1.05
N HIS A 11 7.06 -4.95 0.90
CA HIS A 11 7.00 -3.58 0.40
C HIS A 11 6.10 -2.73 1.30
N GLU A 12 6.73 -1.88 2.11
CA GLU A 12 5.98 -1.00 3.01
C GLU A 12 5.87 0.41 2.44
N CYS A 13 4.84 1.13 2.85
CA CYS A 13 4.61 2.49 2.37
C CYS A 13 5.30 3.51 3.29
N ASN A 14 6.25 4.26 2.73
CA ASN A 14 6.97 5.26 3.50
C ASN A 14 6.20 6.58 3.55
N ASN A 15 4.87 6.47 3.55
CA ASN A 15 4.01 7.65 3.62
C ASN A 15 2.99 7.53 4.74
N CYS A 16 2.27 6.41 4.75
CA CYS A 16 1.25 6.17 5.77
C CYS A 16 1.71 5.10 6.75
N GLY A 17 2.21 4.00 6.22
CA GLY A 17 2.68 2.91 7.06
C GLY A 17 2.01 1.59 6.73
N LYS A 18 1.70 1.38 5.46
CA LYS A 18 1.06 0.16 5.01
C LYS A 18 2.10 -0.87 4.55
N ALA A 19 1.65 -2.10 4.33
CA ALA A 19 2.54 -3.16 3.87
C ALA A 19 1.94 -3.90 2.69
N PHE A 20 2.79 -4.31 1.74
CA PHE A 20 2.34 -5.04 0.57
C PHE A 20 3.35 -6.10 0.17
N SER A 21 2.86 -7.32 -0.02
CA SER A 21 3.73 -8.44 -0.40
C SER A 21 3.94 -8.47 -1.92
N PHE A 22 3.77 -7.32 -2.55
CA PHE A 22 3.94 -7.22 -3.99
C PHE A 22 4.33 -5.79 -4.40
N LYS A 23 5.58 -5.63 -4.81
CA LYS A 23 6.08 -4.33 -5.22
C LYS A 23 5.01 -3.54 -5.97
N SER A 24 4.51 -4.13 -7.06
CA SER A 24 3.48 -3.49 -7.87
C SER A 24 2.36 -2.94 -6.99
N GLN A 25 1.80 -3.81 -6.15
CA GLN A 25 0.72 -3.40 -5.26
C GLN A 25 1.06 -2.09 -4.55
N LEU A 26 2.15 -2.11 -3.79
CA LEU A 26 2.59 -0.92 -3.05
C LEU A 26 2.54 0.32 -3.95
N ILE A 27 3.05 0.18 -5.17
CA ILE A 27 3.07 1.29 -6.10
C ILE A 27 1.66 1.76 -6.43
N ILE A 28 0.73 0.81 -6.52
CA ILE A 28 -0.66 1.12 -6.83
C ILE A 28 -1.32 1.86 -5.67
N HIS A 29 -0.98 1.45 -4.45
CA HIS A 29 -1.55 2.07 -3.26
C HIS A 29 -1.00 3.49 -3.07
N GLN A 30 0.31 3.62 -3.17
CA GLN A 30 0.96 4.92 -3.01
C GLN A 30 0.26 5.98 -3.85
N ARG A 31 -0.50 5.53 -4.84
CA ARG A 31 -1.22 6.45 -5.72
C ARG A 31 -2.11 7.39 -4.91
N ILE A 32 -2.60 6.90 -3.77
CA ILE A 32 -3.46 7.70 -2.91
C ILE A 32 -2.70 8.88 -2.31
N HIS A 33 -1.38 8.78 -2.30
CA HIS A 33 -0.54 9.84 -1.76
C HIS A 33 -0.11 10.80 -2.86
N THR A 34 -0.07 10.30 -4.10
CA THR A 34 0.33 11.12 -5.24
C THR A 34 -0.87 11.44 -6.13
N GLY A 35 -1.06 12.73 -6.42
CA GLY A 35 -2.17 13.14 -7.26
C GLY A 35 -3.51 13.00 -6.57
N GLU A 36 -3.91 11.75 -6.32
CA GLU A 36 -5.18 11.47 -5.67
C GLU A 36 -5.49 12.53 -4.61
N SER A 37 -6.73 13.03 -4.61
CA SER A 37 -7.13 14.04 -3.65
C SER A 37 -8.49 13.70 -3.05
N GLY A 38 -8.47 13.19 -1.82
CA GLY A 38 -9.70 12.82 -1.14
C GLY A 38 -9.54 11.58 -0.29
N PRO A 39 -9.08 11.75 0.96
CA PRO A 39 -8.87 10.64 1.89
C PRO A 39 -10.19 10.04 2.37
N SER A 40 -11.09 10.90 2.81
CA SER A 40 -12.40 10.45 3.30
C SER A 40 -12.24 9.25 4.23
N SER A 41 -11.26 9.33 5.12
CA SER A 41 -11.00 8.25 6.07
C SER A 41 -11.22 8.71 7.50
N GLY A 42 -10.44 9.70 7.92
CA GLY A 42 -10.56 10.22 9.27
C GLY A 42 -9.53 11.29 9.57
N GLY A 1 -13.18 -6.67 11.46
CA GLY A 1 -13.33 -6.50 10.02
C GLY A 1 -11.99 -6.30 9.33
N SER A 2 -11.42 -5.11 9.47
CA SER A 2 -10.14 -4.79 8.84
C SER A 2 -9.01 -5.55 9.52
N SER A 3 -8.59 -6.65 8.89
CA SER A 3 -7.52 -7.48 9.44
C SER A 3 -6.15 -6.81 9.22
N GLY A 4 -5.94 -6.33 8.00
CA GLY A 4 -4.68 -5.68 7.68
C GLY A 4 -3.60 -6.66 7.26
N SER A 5 -2.40 -6.46 7.76
CA SER A 5 -1.28 -7.33 7.42
C SER A 5 -0.60 -7.87 8.68
N SER A 6 0.13 -8.96 8.54
CA SER A 6 0.81 -9.58 9.67
C SER A 6 1.97 -10.46 9.20
N GLY A 7 3.19 -10.04 9.50
CA GLY A 7 4.36 -10.80 9.10
C GLY A 7 5.48 -9.92 8.62
N GLU A 8 6.14 -10.34 7.54
CA GLU A 8 7.25 -9.57 6.98
C GLU A 8 6.76 -8.55 5.96
N LYS A 9 7.10 -7.29 6.18
CA LYS A 9 6.69 -6.21 5.28
C LYS A 9 7.61 -6.13 4.07
N LEU A 10 7.32 -6.96 3.07
CA LEU A 10 8.12 -6.97 1.84
C LEU A 10 8.24 -5.57 1.24
N HIS A 11 7.09 -4.90 1.11
CA HIS A 11 7.07 -3.55 0.56
C HIS A 11 6.18 -2.64 1.39
N GLU A 12 6.80 -1.90 2.31
CA GLU A 12 6.07 -0.98 3.17
C GLU A 12 5.99 0.41 2.55
N CYS A 13 4.91 1.12 2.84
CA CYS A 13 4.70 2.46 2.30
C CYS A 13 5.38 3.51 3.18
N ASN A 14 6.31 4.25 2.61
CA ASN A 14 7.03 5.29 3.34
C ASN A 14 6.24 6.59 3.38
N ASN A 15 4.91 6.46 3.45
CA ASN A 15 4.03 7.63 3.50
C ASN A 15 3.01 7.51 4.62
N CYS A 16 2.34 6.36 4.68
CA CYS A 16 1.34 6.12 5.72
C CYS A 16 1.80 5.03 6.68
N GLY A 17 2.27 3.91 6.11
CA GLY A 17 2.74 2.81 6.93
C GLY A 17 2.08 1.50 6.56
N LYS A 18 1.70 1.36 5.29
CA LYS A 18 1.06 0.15 4.80
C LYS A 18 2.09 -0.87 4.34
N ALA A 19 1.62 -2.05 3.97
CA ALA A 19 2.52 -3.11 3.49
C ALA A 19 1.85 -3.93 2.39
N PHE A 20 2.61 -4.19 1.33
CA PHE A 20 2.09 -4.96 0.20
C PHE A 20 3.10 -6.03 -0.24
N SER A 21 2.86 -7.26 0.17
CA SER A 21 3.74 -8.37 -0.18
C SER A 21 4.33 -8.18 -1.57
N PHE A 22 3.53 -7.63 -2.47
CA PHE A 22 3.97 -7.40 -3.85
C PHE A 22 4.41 -5.95 -4.03
N LYS A 23 5.47 -5.76 -4.81
CA LYS A 23 6.00 -4.42 -5.07
C LYS A 23 4.99 -3.59 -5.86
N SER A 24 4.62 -4.07 -7.03
CA SER A 24 3.67 -3.36 -7.88
C SER A 24 2.47 -2.88 -7.06
N GLN A 25 1.88 -3.79 -6.29
CA GLN A 25 0.73 -3.46 -5.46
C GLN A 25 0.98 -2.17 -4.68
N LEU A 26 2.01 -2.17 -3.85
CA LEU A 26 2.36 -1.00 -3.04
C LEU A 26 2.32 0.26 -3.89
N ILE A 27 2.99 0.22 -5.03
CA ILE A 27 3.04 1.37 -5.93
C ILE A 27 1.64 1.84 -6.30
N ILE A 28 0.74 0.89 -6.51
CA ILE A 28 -0.64 1.20 -6.87
C ILE A 28 -1.34 1.96 -5.75
N HIS A 29 -1.03 1.58 -4.51
CA HIS A 29 -1.62 2.23 -3.34
C HIS A 29 -1.08 3.64 -3.17
N GLN A 30 0.23 3.79 -3.27
CA GLN A 30 0.87 5.10 -3.12
C GLN A 30 0.20 6.13 -4.02
N ARG A 31 -0.55 5.66 -5.01
CA ARG A 31 -1.24 6.54 -5.93
C ARG A 31 -2.19 7.48 -5.18
N ILE A 32 -2.54 7.10 -3.96
CA ILE A 32 -3.44 7.91 -3.14
C ILE A 32 -2.70 9.07 -2.50
N HIS A 33 -1.39 8.90 -2.30
CA HIS A 33 -0.55 9.93 -1.70
C HIS A 33 -0.18 11.00 -2.72
N THR A 34 0.34 10.56 -3.86
CA THR A 34 0.75 11.48 -4.92
C THR A 34 -0.46 12.18 -5.53
N GLY A 35 -1.64 11.58 -5.35
CA GLY A 35 -2.85 12.16 -5.89
C GLY A 35 -3.26 11.53 -7.20
N GLU A 36 -4.03 10.44 -7.12
CA GLU A 36 -4.49 9.74 -8.32
C GLU A 36 -5.03 10.73 -9.35
N SER A 37 -6.00 11.54 -8.93
CA SER A 37 -6.61 12.52 -9.82
C SER A 37 -7.14 13.72 -9.03
N GLY A 38 -7.00 14.91 -9.61
CA GLY A 38 -7.47 16.11 -8.94
C GLY A 38 -6.46 17.24 -9.02
N PRO A 39 -6.93 18.47 -8.78
CA PRO A 39 -6.08 19.66 -8.82
C PRO A 39 -5.08 19.71 -7.66
N SER A 40 -3.90 20.25 -7.92
CA SER A 40 -2.87 20.34 -6.89
C SER A 40 -3.24 21.36 -5.82
N SER A 41 -4.00 20.90 -4.82
CA SER A 41 -4.43 21.77 -3.74
C SER A 41 -4.81 20.96 -2.50
N GLY A 42 -4.05 21.13 -1.42
CA GLY A 42 -4.30 20.41 -0.20
C GLY A 42 -3.03 20.12 0.58
N GLY A 1 -5.47 -11.68 17.08
CA GLY A 1 -4.30 -12.46 16.73
C GLY A 1 -3.87 -13.41 17.84
N SER A 2 -4.84 -14.06 18.46
CA SER A 2 -4.56 -15.00 19.55
C SER A 2 -3.78 -16.20 19.04
N SER A 3 -4.21 -16.75 17.90
CA SER A 3 -3.54 -17.90 17.32
C SER A 3 -3.63 -17.86 15.79
N GLY A 4 -2.47 -17.71 15.15
CA GLY A 4 -2.45 -17.65 13.70
C GLY A 4 -1.77 -16.40 13.18
N SER A 5 -0.46 -16.32 13.35
CA SER A 5 0.31 -15.16 12.90
C SER A 5 1.52 -15.58 12.08
N SER A 6 1.61 -15.08 10.85
CA SER A 6 2.72 -15.42 9.98
C SER A 6 2.76 -14.49 8.77
N GLY A 7 3.95 -14.02 8.43
CA GLY A 7 4.11 -13.12 7.29
C GLY A 7 5.29 -12.19 7.45
N GLU A 8 5.33 -11.13 6.64
CA GLU A 8 6.42 -10.17 6.69
C GLU A 8 6.11 -8.96 5.82
N LYS A 9 6.80 -7.85 6.09
CA LYS A 9 6.60 -6.63 5.32
C LYS A 9 7.58 -6.53 4.16
N LEU A 10 7.25 -7.17 3.05
CA LEU A 10 8.10 -7.16 1.87
C LEU A 10 8.24 -5.74 1.30
N HIS A 11 7.11 -5.05 1.20
CA HIS A 11 7.11 -3.68 0.69
C HIS A 11 6.22 -2.78 1.54
N GLU A 12 6.84 -1.91 2.32
CA GLU A 12 6.10 -0.99 3.19
C GLU A 12 5.99 0.39 2.54
N CYS A 13 4.92 1.10 2.87
CA CYS A 13 4.69 2.44 2.33
C CYS A 13 5.36 3.50 3.19
N ASN A 14 6.27 4.26 2.58
CA ASN A 14 6.99 5.31 3.30
C ASN A 14 6.16 6.60 3.34
N ASN A 15 4.85 6.45 3.37
CA ASN A 15 3.95 7.60 3.42
C ASN A 15 2.97 7.48 4.59
N CYS A 16 2.26 6.36 4.64
CA CYS A 16 1.29 6.13 5.71
C CYS A 16 1.79 5.07 6.68
N GLY A 17 2.27 3.95 6.13
CA GLY A 17 2.78 2.87 6.96
C GLY A 17 2.11 1.54 6.66
N LYS A 18 1.78 1.33 5.39
CA LYS A 18 1.13 0.10 4.97
C LYS A 18 2.16 -0.91 4.44
N ALA A 19 1.68 -2.07 4.01
CA ALA A 19 2.56 -3.10 3.48
C ALA A 19 1.88 -3.87 2.35
N PHE A 20 2.68 -4.33 1.39
CA PHE A 20 2.16 -5.07 0.25
C PHE A 20 3.15 -6.13 -0.22
N SER A 21 2.87 -7.38 0.11
CA SER A 21 3.74 -8.49 -0.27
C SER A 21 4.32 -8.27 -1.67
N PHE A 22 3.51 -7.71 -2.57
CA PHE A 22 3.95 -7.45 -3.93
C PHE A 22 4.42 -6.00 -4.08
N LYS A 23 5.44 -5.81 -4.90
CA LYS A 23 6.00 -4.49 -5.13
C LYS A 23 5.01 -3.61 -5.89
N SER A 24 4.57 -4.09 -7.05
CA SER A 24 3.63 -3.35 -7.88
C SER A 24 2.45 -2.85 -7.05
N GLN A 25 1.87 -3.75 -6.25
CA GLN A 25 0.73 -3.41 -5.41
C GLN A 25 1.02 -2.13 -4.62
N LEU A 26 2.05 -2.17 -3.79
CA LEU A 26 2.43 -1.02 -2.98
C LEU A 26 2.43 0.25 -3.81
N ILE A 27 3.05 0.20 -4.98
CA ILE A 27 3.12 1.35 -5.87
C ILE A 27 1.72 1.84 -6.24
N ILE A 28 0.83 0.90 -6.50
CA ILE A 28 -0.55 1.25 -6.87
C ILE A 28 -1.26 1.94 -5.71
N HIS A 29 -0.91 1.56 -4.49
CA HIS A 29 -1.51 2.15 -3.31
C HIS A 29 -1.02 3.58 -3.09
N GLN A 30 0.30 3.74 -3.10
CA GLN A 30 0.91 5.06 -2.92
C GLN A 30 0.23 6.10 -3.79
N ARG A 31 -0.46 5.64 -4.83
CA ARG A 31 -1.15 6.54 -5.75
C ARG A 31 -2.07 7.49 -4.98
N ILE A 32 -2.57 7.03 -3.84
CA ILE A 32 -3.46 7.84 -3.01
C ILE A 32 -2.72 9.05 -2.44
N HIS A 33 -1.42 8.89 -2.22
CA HIS A 33 -0.61 9.97 -1.67
C HIS A 33 -0.21 10.96 -2.76
N THR A 34 -0.13 10.48 -4.00
CA THR A 34 0.24 11.31 -5.13
C THR A 34 -0.94 11.53 -6.07
N GLY A 35 -1.35 12.79 -6.22
CA GLY A 35 -2.46 13.10 -7.08
C GLY A 35 -3.77 12.49 -6.60
N GLU A 36 -4.22 11.46 -7.31
CA GLU A 36 -5.46 10.78 -6.95
C GLU A 36 -5.49 10.44 -5.46
N SER A 37 -6.62 9.93 -5.00
CA SER A 37 -6.78 9.56 -3.59
C SER A 37 -7.40 8.18 -3.45
N GLY A 38 -6.97 7.26 -4.31
CA GLY A 38 -7.49 5.90 -4.28
C GLY A 38 -8.90 5.81 -4.82
N PRO A 39 -9.02 5.69 -6.15
CA PRO A 39 -10.32 5.59 -6.82
C PRO A 39 -11.02 4.26 -6.54
N SER A 40 -10.29 3.16 -6.74
CA SER A 40 -10.83 1.83 -6.53
C SER A 40 -11.43 1.72 -5.12
N SER A 41 -10.60 1.95 -4.11
CA SER A 41 -11.05 1.88 -2.73
C SER A 41 -11.50 3.24 -2.23
N GLY A 42 -12.81 3.42 -2.12
CA GLY A 42 -13.35 4.69 -1.65
C GLY A 42 -14.25 4.52 -0.44
N GLY A 1 -7.54 -15.38 12.36
CA GLY A 1 -6.98 -16.39 11.49
C GLY A 1 -7.29 -16.13 10.03
N SER A 2 -6.29 -15.69 9.28
CA SER A 2 -6.46 -15.40 7.86
C SER A 2 -5.21 -15.78 7.08
N SER A 3 -5.32 -16.83 6.26
CA SER A 3 -4.20 -17.30 5.45
C SER A 3 -4.18 -16.60 4.10
N GLY A 4 -3.04 -16.65 3.43
CA GLY A 4 -2.90 -16.02 2.13
C GLY A 4 -1.50 -15.49 1.89
N SER A 5 -1.41 -14.39 1.15
CA SER A 5 -0.11 -13.79 0.84
C SER A 5 0.34 -12.86 1.96
N SER A 6 0.17 -13.32 3.20
CA SER A 6 0.55 -12.53 4.37
C SER A 6 1.87 -13.03 4.95
N GLY A 7 2.54 -12.17 5.71
CA GLY A 7 3.80 -12.55 6.31
C GLY A 7 4.70 -11.35 6.56
N GLU A 8 5.91 -11.38 5.99
CA GLU A 8 6.85 -10.29 6.15
C GLU A 8 6.46 -9.09 5.29
N LYS A 9 6.94 -7.91 5.68
CA LYS A 9 6.65 -6.68 4.95
C LYS A 9 7.61 -6.50 3.78
N LEU A 10 7.29 -7.14 2.65
CA LEU A 10 8.13 -7.04 1.47
C LEU A 10 8.23 -5.60 0.98
N HIS A 11 7.08 -4.94 0.88
CA HIS A 11 7.04 -3.55 0.43
C HIS A 11 6.15 -2.72 1.34
N GLU A 12 6.76 -1.90 2.19
CA GLU A 12 6.01 -1.05 3.11
C GLU A 12 5.95 0.39 2.59
N CYS A 13 4.84 1.06 2.87
CA CYS A 13 4.65 2.44 2.42
C CYS A 13 5.29 3.41 3.40
N ASN A 14 6.25 4.20 2.90
CA ASN A 14 6.95 5.17 3.73
C ASN A 14 6.16 6.48 3.82
N ASN A 15 4.91 6.43 3.38
CA ASN A 15 4.05 7.61 3.41
C ASN A 15 3.05 7.54 4.55
N CYS A 16 2.31 6.44 4.61
CA CYS A 16 1.33 6.24 5.67
C CYS A 16 1.79 5.18 6.67
N GLY A 17 2.27 4.06 6.14
CA GLY A 17 2.73 2.98 6.99
C GLY A 17 2.08 1.65 6.66
N LYS A 18 1.64 1.51 5.41
CA LYS A 18 1.00 0.28 4.97
C LYS A 18 2.04 -0.76 4.55
N ALA A 19 1.56 -1.96 4.23
CA ALA A 19 2.46 -3.04 3.81
C ALA A 19 1.86 -3.82 2.65
N PHE A 20 2.72 -4.21 1.70
CA PHE A 20 2.27 -4.96 0.53
C PHE A 20 3.29 -6.01 0.14
N SER A 21 2.83 -7.24 -0.03
CA SER A 21 3.71 -8.35 -0.41
C SER A 21 3.91 -8.39 -1.92
N PHE A 22 3.77 -7.25 -2.57
CA PHE A 22 3.94 -7.15 -4.01
C PHE A 22 4.32 -5.73 -4.42
N LYS A 23 5.58 -5.55 -4.79
CA LYS A 23 6.08 -4.25 -5.22
C LYS A 23 5.00 -3.47 -5.97
N SER A 24 4.48 -4.08 -7.04
CA SER A 24 3.45 -3.44 -7.85
C SER A 24 2.32 -2.92 -6.96
N GLN A 25 1.78 -3.79 -6.12
CA GLN A 25 0.69 -3.41 -5.23
C GLN A 25 1.00 -2.10 -4.50
N LEU A 26 2.13 -2.07 -3.81
CA LEU A 26 2.55 -0.88 -3.07
C LEU A 26 2.50 0.35 -3.98
N ILE A 27 3.03 0.22 -5.18
CA ILE A 27 3.05 1.32 -6.14
C ILE A 27 1.64 1.77 -6.48
N ILE A 28 0.71 0.82 -6.56
CA ILE A 28 -0.68 1.11 -6.88
C ILE A 28 -1.35 1.86 -5.73
N HIS A 29 -0.98 1.52 -4.51
CA HIS A 29 -1.54 2.16 -3.33
C HIS A 29 -1.00 3.57 -3.16
N GLN A 30 0.33 3.69 -3.21
CA GLN A 30 0.99 4.99 -3.06
C GLN A 30 0.30 6.05 -3.93
N ARG A 31 -0.39 5.58 -4.97
CA ARG A 31 -1.08 6.49 -5.89
C ARG A 31 -2.01 7.43 -5.12
N ILE A 32 -2.60 6.93 -4.04
CA ILE A 32 -3.50 7.73 -3.22
C ILE A 32 -2.79 8.93 -2.62
N HIS A 33 -1.48 8.78 -2.40
CA HIS A 33 -0.68 9.86 -1.83
C HIS A 33 -0.33 10.90 -2.89
N THR A 34 0.44 10.48 -3.89
CA THR A 34 0.84 11.37 -4.97
C THR A 34 -0.33 12.20 -5.47
N GLY A 35 -1.49 11.57 -5.60
CA GLY A 35 -2.67 12.27 -6.07
C GLY A 35 -3.55 11.40 -6.96
N GLU A 36 -4.03 10.29 -6.40
CA GLU A 36 -4.87 9.37 -7.15
C GLU A 36 -6.11 8.99 -6.34
N SER A 37 -7.19 8.66 -7.04
CA SER A 37 -8.43 8.28 -6.38
C SER A 37 -8.39 6.81 -5.93
N GLY A 38 -8.85 6.57 -4.71
CA GLY A 38 -8.85 5.21 -4.19
C GLY A 38 -9.77 4.28 -4.96
N PRO A 39 -9.36 3.02 -5.10
CA PRO A 39 -10.14 2.01 -5.82
C PRO A 39 -11.41 1.62 -5.09
N SER A 40 -12.21 0.75 -5.69
CA SER A 40 -13.45 0.29 -5.08
C SER A 40 -13.18 -0.60 -3.87
N SER A 41 -14.24 -0.92 -3.14
CA SER A 41 -14.11 -1.75 -1.95
C SER A 41 -14.03 -3.23 -2.33
N GLY A 42 -15.08 -3.73 -2.97
CA GLY A 42 -15.11 -5.12 -3.38
C GLY A 42 -15.73 -6.03 -2.32
N GLY A 1 -12.45 -10.50 3.30
CA GLY A 1 -11.23 -10.12 2.61
C GLY A 1 -9.98 -10.65 3.30
N SER A 2 -9.34 -9.80 4.09
CA SER A 2 -8.13 -10.18 4.80
C SER A 2 -8.46 -10.87 6.12
N SER A 3 -8.31 -12.19 6.15
CA SER A 3 -8.60 -12.97 7.34
C SER A 3 -7.48 -13.97 7.62
N GLY A 4 -6.98 -13.94 8.86
CA GLY A 4 -5.91 -14.85 9.24
C GLY A 4 -4.66 -14.12 9.70
N SER A 5 -3.74 -14.86 10.32
CA SER A 5 -2.50 -14.27 10.81
C SER A 5 -1.53 -14.00 9.66
N SER A 6 -0.61 -13.06 9.87
CA SER A 6 0.37 -12.71 8.85
C SER A 6 1.42 -11.75 9.41
N GLY A 7 2.69 -12.09 9.24
CA GLY A 7 3.75 -11.25 9.73
C GLY A 7 4.90 -11.12 8.74
N GLU A 8 4.77 -10.17 7.81
CA GLU A 8 5.79 -9.95 6.80
C GLU A 8 5.53 -8.65 6.04
N LYS A 9 6.57 -7.84 5.88
CA LYS A 9 6.46 -6.57 5.16
C LYS A 9 7.49 -6.48 4.05
N LEU A 10 7.16 -7.02 2.89
CA LEU A 10 8.06 -6.99 1.74
C LEU A 10 8.20 -5.58 1.19
N HIS A 11 7.07 -4.89 1.08
CA HIS A 11 7.06 -3.51 0.56
C HIS A 11 6.19 -2.61 1.43
N GLU A 12 6.83 -1.82 2.28
CA GLU A 12 6.11 -0.91 3.17
C GLU A 12 6.01 0.48 2.55
N CYS A 13 4.95 1.20 2.90
CA CYS A 13 4.72 2.54 2.38
C CYS A 13 5.37 3.59 3.28
N ASN A 14 6.29 4.37 2.72
CA ASN A 14 6.97 5.41 3.46
C ASN A 14 6.15 6.69 3.52
N ASN A 15 4.82 6.54 3.51
CA ASN A 15 3.91 7.67 3.55
C ASN A 15 2.91 7.53 4.69
N CYS A 16 2.23 6.40 4.73
CA CYS A 16 1.23 6.13 5.76
C CYS A 16 1.73 5.05 6.73
N GLY A 17 2.22 3.95 6.17
CA GLY A 17 2.72 2.87 7.00
C GLY A 17 2.08 1.53 6.65
N LYS A 18 1.74 1.36 5.37
CA LYS A 18 1.12 0.12 4.92
C LYS A 18 2.18 -0.86 4.40
N ALA A 19 1.72 -2.02 3.94
CA ALA A 19 2.61 -3.04 3.42
C ALA A 19 1.93 -3.87 2.34
N PHE A 20 2.70 -4.24 1.31
CA PHE A 20 2.16 -5.03 0.20
C PHE A 20 3.18 -6.06 -0.26
N SER A 21 2.95 -7.32 0.09
CA SER A 21 3.85 -8.40 -0.28
C SER A 21 4.39 -8.19 -1.70
N PHE A 22 3.56 -7.63 -2.56
CA PHE A 22 3.94 -7.36 -3.94
C PHE A 22 4.39 -5.92 -4.13
N LYS A 23 5.45 -5.73 -4.90
CA LYS A 23 5.99 -4.40 -5.16
C LYS A 23 4.98 -3.55 -5.92
N SER A 24 4.52 -4.05 -7.07
CA SER A 24 3.56 -3.33 -7.90
C SER A 24 2.38 -2.85 -7.05
N GLN A 25 1.80 -3.77 -6.28
CA GLN A 25 0.66 -3.44 -5.43
C GLN A 25 0.92 -2.16 -4.64
N LEU A 26 2.02 -2.14 -3.91
CA LEU A 26 2.38 -0.98 -3.11
C LEU A 26 2.36 0.30 -3.95
N ILE A 27 2.96 0.23 -5.13
CA ILE A 27 2.99 1.38 -6.03
C ILE A 27 1.59 1.85 -6.39
N ILE A 28 0.68 0.89 -6.54
CA ILE A 28 -0.70 1.20 -6.88
C ILE A 28 -1.40 1.93 -5.73
N HIS A 29 -1.04 1.56 -4.51
CA HIS A 29 -1.63 2.17 -3.32
C HIS A 29 -1.13 3.61 -3.15
N GLN A 30 0.19 3.77 -3.17
CA GLN A 30 0.80 5.08 -3.01
C GLN A 30 0.09 6.13 -3.89
N ARG A 31 -0.60 5.65 -4.92
CA ARG A 31 -1.31 6.53 -5.83
C ARG A 31 -2.20 7.50 -5.06
N ILE A 32 -2.59 7.11 -3.85
CA ILE A 32 -3.44 7.94 -3.01
C ILE A 32 -2.66 9.12 -2.43
N HIS A 33 -1.37 8.91 -2.20
CA HIS A 33 -0.51 9.95 -1.65
C HIS A 33 -0.11 10.95 -2.73
N THR A 34 0.49 10.45 -3.81
CA THR A 34 0.93 11.29 -4.91
C THR A 34 -0.26 12.02 -5.54
N GLY A 35 -1.39 11.33 -5.64
CA GLY A 35 -2.58 11.92 -6.22
C GLY A 35 -3.12 11.11 -7.39
N GLU A 36 -4.31 10.56 -7.21
CA GLU A 36 -4.94 9.75 -8.25
C GLU A 36 -6.43 10.05 -8.34
N SER A 37 -7.02 9.72 -9.49
CA SER A 37 -8.45 9.96 -9.70
C SER A 37 -9.13 8.70 -10.25
N GLY A 38 -9.84 7.99 -9.39
CA GLY A 38 -10.52 6.78 -9.82
C GLY A 38 -11.96 7.04 -10.20
N PRO A 39 -12.43 6.34 -11.25
CA PRO A 39 -13.81 6.48 -11.74
C PRO A 39 -14.84 5.92 -10.76
N SER A 40 -14.47 4.85 -10.06
CA SER A 40 -15.36 4.22 -9.09
C SER A 40 -14.72 4.17 -7.71
N SER A 41 -13.44 3.80 -7.68
CA SER A 41 -12.71 3.71 -6.42
C SER A 41 -12.15 5.07 -6.01
N GLY A 42 -11.77 5.18 -4.75
CA GLY A 42 -11.22 6.44 -4.24
C GLY A 42 -9.79 6.30 -3.79
N GLY A 1 -9.59 -3.72 19.72
CA GLY A 1 -8.31 -4.31 20.02
C GLY A 1 -7.32 -4.14 18.88
N SER A 2 -6.03 -4.15 19.21
CA SER A 2 -4.98 -3.98 18.22
C SER A 2 -4.55 -5.33 17.65
N SER A 3 -5.24 -5.79 16.61
CA SER A 3 -4.94 -7.06 15.98
C SER A 3 -5.11 -6.99 14.47
N GLY A 4 -4.01 -7.14 13.75
CA GLY A 4 -4.07 -7.07 12.29
C GLY A 4 -3.87 -8.43 11.64
N SER A 5 -3.10 -8.47 10.57
CA SER A 5 -2.83 -9.72 9.86
C SER A 5 -1.34 -10.03 9.86
N SER A 6 -0.96 -11.08 10.60
CA SER A 6 0.44 -11.48 10.69
C SER A 6 0.95 -11.96 9.33
N GLY A 7 2.17 -11.55 8.98
CA GLY A 7 2.75 -11.94 7.71
C GLY A 7 4.15 -11.38 7.53
N GLU A 8 4.57 -11.27 6.26
CA GLU A 8 5.89 -10.74 5.94
C GLU A 8 5.79 -9.41 5.21
N LYS A 9 6.61 -8.45 5.59
CA LYS A 9 6.62 -7.13 4.97
C LYS A 9 7.65 -7.06 3.85
N LEU A 10 7.19 -7.15 2.61
CA LEU A 10 8.07 -7.10 1.45
C LEU A 10 8.22 -5.67 0.94
N HIS A 11 7.10 -4.94 0.92
CA HIS A 11 7.11 -3.56 0.46
C HIS A 11 6.24 -2.68 1.36
N GLU A 12 6.90 -1.87 2.19
CA GLU A 12 6.19 -0.99 3.11
C GLU A 12 6.06 0.41 2.52
N CYS A 13 5.00 1.12 2.90
CA CYS A 13 4.76 2.46 2.41
C CYS A 13 5.41 3.50 3.33
N ASN A 14 6.31 4.30 2.77
CA ASN A 14 7.00 5.33 3.54
C ASN A 14 6.16 6.61 3.62
N ASN A 15 4.85 6.46 3.54
CA ASN A 15 3.94 7.59 3.60
C ASN A 15 2.94 7.43 4.74
N CYS A 16 2.28 6.28 4.79
CA CYS A 16 1.30 6.00 5.83
C CYS A 16 1.81 4.93 6.79
N GLY A 17 2.33 3.84 6.22
CA GLY A 17 2.85 2.75 7.02
C GLY A 17 2.26 1.41 6.65
N LYS A 18 1.61 1.36 5.48
CA LYS A 18 1.00 0.13 5.00
C LYS A 18 2.05 -0.84 4.50
N ALA A 19 1.66 -2.11 4.36
CA ALA A 19 2.58 -3.13 3.88
C ALA A 19 1.97 -3.92 2.73
N PHE A 20 2.79 -4.25 1.75
CA PHE A 20 2.34 -5.01 0.58
C PHE A 20 3.35 -6.08 0.19
N SER A 21 2.86 -7.29 -0.08
CA SER A 21 3.73 -8.40 -0.45
C SER A 21 3.95 -8.42 -1.96
N PHE A 22 3.81 -7.25 -2.59
CA PHE A 22 4.00 -7.14 -4.03
C PHE A 22 4.36 -5.71 -4.42
N LYS A 23 5.61 -5.49 -4.80
CA LYS A 23 6.07 -4.17 -5.20
C LYS A 23 4.98 -3.41 -5.95
N SER A 24 4.49 -3.98 -7.04
CA SER A 24 3.46 -3.36 -7.84
C SER A 24 2.31 -2.87 -6.96
N GLN A 25 1.78 -3.77 -6.13
CA GLN A 25 0.69 -3.44 -5.23
C GLN A 25 0.98 -2.14 -4.48
N LEU A 26 2.09 -2.11 -3.76
CA LEU A 26 2.48 -0.93 -3.00
C LEU A 26 2.43 0.32 -3.87
N ILE A 27 2.95 0.21 -5.09
CA ILE A 27 2.96 1.34 -6.02
C ILE A 27 1.55 1.77 -6.37
N ILE A 28 0.64 0.81 -6.49
CA ILE A 28 -0.75 1.09 -6.81
C ILE A 28 -1.45 1.80 -5.67
N HIS A 29 -1.04 1.47 -4.44
CA HIS A 29 -1.63 2.08 -3.25
C HIS A 29 -1.13 3.51 -3.07
N GLN A 30 0.19 3.68 -3.11
CA GLN A 30 0.79 5.00 -2.94
C GLN A 30 0.10 6.03 -3.84
N ARG A 31 -0.60 5.54 -4.86
CA ARG A 31 -1.29 6.42 -5.79
C ARG A 31 -2.26 7.34 -5.05
N ILE A 32 -2.57 6.99 -3.80
CA ILE A 32 -3.47 7.78 -2.99
C ILE A 32 -2.74 8.94 -2.32
N HIS A 33 -1.45 8.77 -2.09
CA HIS A 33 -0.64 9.82 -1.47
C HIS A 33 -0.24 10.87 -2.49
N THR A 34 -0.28 10.50 -3.77
CA THR A 34 0.09 11.42 -4.84
C THR A 34 -1.09 11.67 -5.77
N GLY A 35 -0.98 12.70 -6.61
CA GLY A 35 -2.03 13.02 -7.54
C GLY A 35 -2.18 12.00 -8.63
N GLU A 36 -2.95 10.94 -8.37
CA GLU A 36 -3.17 9.88 -9.34
C GLU A 36 -4.65 9.68 -9.61
N SER A 37 -4.97 9.06 -10.74
CA SER A 37 -6.36 8.81 -11.12
C SER A 37 -6.93 7.64 -10.33
N GLY A 38 -6.27 6.49 -10.43
CA GLY A 38 -6.74 5.30 -9.72
C GLY A 38 -8.10 4.84 -10.19
N PRO A 39 -8.39 3.55 -9.99
CA PRO A 39 -9.67 2.96 -10.40
C PRO A 39 -10.83 3.44 -9.54
N SER A 40 -10.54 3.74 -8.28
CA SER A 40 -11.58 4.23 -7.36
C SER A 40 -12.80 3.32 -7.39
N SER A 41 -12.55 2.01 -7.39
CA SER A 41 -13.64 1.04 -7.42
C SER A 41 -14.27 0.88 -6.04
N GLY A 42 -13.48 0.46 -5.07
CA GLY A 42 -13.97 0.27 -3.73
C GLY A 42 -14.46 1.57 -3.11
N GLY A 1 -0.35 -17.71 1.01
CA GLY A 1 -0.12 -16.29 0.77
C GLY A 1 -0.80 -15.41 1.79
N SER A 2 -0.66 -15.77 3.06
CA SER A 2 -1.28 -15.01 4.14
C SER A 2 -0.29 -14.00 4.71
N SER A 3 -0.77 -12.78 4.92
CA SER A 3 0.08 -11.70 5.46
C SER A 3 -0.35 -11.36 6.89
N GLY A 4 -1.60 -10.96 7.05
CA GLY A 4 -2.10 -10.60 8.36
C GLY A 4 -1.36 -9.42 8.97
N SER A 5 -0.75 -9.65 10.13
CA SER A 5 -0.01 -8.59 10.82
C SER A 5 1.21 -9.16 11.52
N SER A 6 2.26 -8.35 11.62
CA SER A 6 3.50 -8.78 12.26
C SER A 6 4.25 -9.77 11.39
N GLY A 7 4.28 -9.52 10.09
CA GLY A 7 4.97 -10.40 9.18
C GLY A 7 6.11 -9.71 8.44
N GLU A 8 6.56 -10.31 7.34
CA GLU A 8 7.65 -9.75 6.56
C GLU A 8 7.15 -8.62 5.66
N LYS A 9 7.53 -7.39 6.00
CA LYS A 9 7.12 -6.21 5.23
C LYS A 9 7.95 -6.08 3.96
N LEU A 10 7.59 -6.87 2.95
CA LEU A 10 8.30 -6.84 1.68
C LEU A 10 8.35 -5.43 1.11
N HIS A 11 7.18 -4.80 1.02
CA HIS A 11 7.09 -3.43 0.49
C HIS A 11 6.19 -2.57 1.38
N GLU A 12 6.80 -1.79 2.26
CA GLU A 12 6.05 -0.92 3.16
C GLU A 12 5.97 0.49 2.60
N CYS A 13 4.87 1.18 2.89
CA CYS A 13 4.66 2.54 2.43
C CYS A 13 5.30 3.55 3.37
N ASN A 14 6.20 4.37 2.84
CA ASN A 14 6.89 5.37 3.63
C ASN A 14 6.07 6.65 3.71
N ASN A 15 4.77 6.54 3.43
CA ASN A 15 3.89 7.70 3.47
C ASN A 15 2.87 7.56 4.60
N CYS A 16 2.24 6.40 4.69
CA CYS A 16 1.24 6.13 5.71
C CYS A 16 1.74 5.08 6.69
N GLY A 17 2.26 3.97 6.15
CA GLY A 17 2.75 2.90 6.99
C GLY A 17 2.11 1.56 6.67
N LYS A 18 1.74 1.38 5.40
CA LYS A 18 1.12 0.14 4.95
C LYS A 18 2.16 -0.84 4.44
N ALA A 19 1.71 -2.02 4.01
CA ALA A 19 2.60 -3.04 3.49
C ALA A 19 1.93 -3.86 2.39
N PHE A 20 2.69 -4.21 1.37
CA PHE A 20 2.17 -4.98 0.25
C PHE A 20 3.18 -6.02 -0.22
N SER A 21 2.92 -7.28 0.11
CA SER A 21 3.83 -8.37 -0.27
C SER A 21 4.33 -8.18 -1.70
N PHE A 22 3.49 -7.61 -2.55
CA PHE A 22 3.84 -7.37 -3.94
C PHE A 22 4.32 -5.93 -4.15
N LYS A 23 5.36 -5.77 -4.94
CA LYS A 23 5.92 -4.45 -5.23
C LYS A 23 4.92 -3.60 -6.00
N SER A 24 4.45 -4.12 -7.12
CA SER A 24 3.49 -3.40 -7.96
C SER A 24 2.31 -2.90 -7.13
N GLN A 25 1.73 -3.79 -6.33
CA GLN A 25 0.60 -3.45 -5.49
C GLN A 25 0.88 -2.16 -4.70
N LEU A 26 1.95 -2.17 -3.92
CA LEU A 26 2.32 -1.00 -3.12
C LEU A 26 2.29 0.26 -3.97
N ILE A 27 2.92 0.21 -5.14
CA ILE A 27 2.97 1.35 -6.04
C ILE A 27 1.56 1.84 -6.38
N ILE A 28 0.64 0.89 -6.58
CA ILE A 28 -0.74 1.22 -6.90
C ILE A 28 -1.42 1.94 -5.74
N HIS A 29 -1.03 1.57 -4.52
CA HIS A 29 -1.61 2.18 -3.33
C HIS A 29 -1.09 3.60 -3.13
N GLN A 30 0.23 3.75 -3.18
CA GLN A 30 0.85 5.06 -3.00
C GLN A 30 0.18 6.10 -3.88
N ARG A 31 -0.53 5.64 -4.90
CA ARG A 31 -1.22 6.54 -5.82
C ARG A 31 -2.15 7.48 -5.06
N ILE A 32 -2.55 7.06 -3.86
CA ILE A 32 -3.44 7.87 -3.04
C ILE A 32 -2.70 9.05 -2.42
N HIS A 33 -1.41 8.87 -2.18
CA HIS A 33 -0.59 9.93 -1.59
C HIS A 33 -0.13 10.92 -2.67
N THR A 34 0.46 10.39 -3.73
CA THR A 34 0.94 11.23 -4.83
C THR A 34 -0.22 11.82 -5.63
N GLY A 35 -1.42 11.28 -5.41
CA GLY A 35 -2.59 11.75 -6.12
C GLY A 35 -2.51 11.51 -7.61
N GLU A 36 -2.96 10.33 -8.04
CA GLU A 36 -2.94 9.98 -9.46
C GLU A 36 -4.30 10.23 -10.10
N SER A 37 -4.28 10.58 -11.38
CA SER A 37 -5.50 10.85 -12.12
C SER A 37 -6.52 9.72 -11.92
N GLY A 38 -6.14 8.51 -12.29
CA GLY A 38 -7.02 7.36 -12.15
C GLY A 38 -7.93 7.17 -13.34
N PRO A 39 -7.42 6.49 -14.38
CA PRO A 39 -8.18 6.23 -15.60
C PRO A 39 -9.32 5.24 -15.37
N SER A 40 -9.02 4.13 -14.70
CA SER A 40 -10.02 3.10 -14.43
C SER A 40 -10.72 3.39 -13.10
N SER A 41 -9.95 3.64 -12.07
CA SER A 41 -10.51 3.93 -10.75
C SER A 41 -9.62 4.91 -9.98
N GLY A 42 -10.22 5.58 -8.99
CA GLY A 42 -9.47 6.54 -8.20
C GLY A 42 -8.68 5.89 -7.09
N GLY A 1 -16.40 -12.95 2.94
CA GLY A 1 -15.31 -12.00 3.01
C GLY A 1 -13.96 -12.67 3.16
N SER A 2 -13.50 -13.34 2.11
CA SER A 2 -12.22 -14.04 2.15
C SER A 2 -11.06 -13.05 2.11
N SER A 3 -10.68 -12.55 3.27
CA SER A 3 -9.58 -11.59 3.38
C SER A 3 -8.66 -11.94 4.54
N GLY A 4 -7.45 -11.39 4.52
CA GLY A 4 -6.50 -11.65 5.58
C GLY A 4 -5.06 -11.41 5.15
N SER A 5 -4.83 -10.25 4.53
CA SER A 5 -3.49 -9.90 4.05
C SER A 5 -2.66 -9.29 5.17
N SER A 6 -1.68 -10.06 5.65
CA SER A 6 -0.81 -9.61 6.73
C SER A 6 0.32 -10.60 6.97
N GLY A 7 1.45 -10.10 7.47
CA GLY A 7 2.58 -10.95 7.74
C GLY A 7 3.89 -10.32 7.34
N GLU A 8 4.59 -10.93 6.39
CA GLU A 8 5.86 -10.42 5.92
C GLU A 8 5.67 -9.14 5.09
N LYS A 9 6.38 -8.08 5.47
CA LYS A 9 6.29 -6.80 4.77
C LYS A 9 7.42 -6.66 3.77
N LEU A 10 7.20 -7.15 2.56
CA LEU A 10 8.21 -7.08 1.51
C LEU A 10 8.32 -5.66 0.96
N HIS A 11 7.19 -4.95 0.95
CA HIS A 11 7.16 -3.57 0.45
C HIS A 11 6.28 -2.70 1.35
N GLU A 12 6.93 -1.86 2.17
CA GLU A 12 6.20 -0.97 3.07
C GLU A 12 6.04 0.41 2.45
N CYS A 13 5.00 1.12 2.89
CA CYS A 13 4.72 2.46 2.38
C CYS A 13 5.35 3.52 3.27
N ASN A 14 6.29 4.28 2.71
CA ASN A 14 6.96 5.34 3.46
C ASN A 14 6.13 6.62 3.49
N ASN A 15 4.81 6.46 3.58
CA ASN A 15 3.91 7.60 3.60
C ASN A 15 2.88 7.44 4.72
N CYS A 16 2.20 6.30 4.75
CA CYS A 16 1.19 6.02 5.77
C CYS A 16 1.68 4.94 6.74
N GLY A 17 2.21 3.86 6.20
CA GLY A 17 2.70 2.78 7.03
C GLY A 17 2.08 1.44 6.67
N LYS A 18 1.65 1.31 5.42
CA LYS A 18 1.04 0.07 4.94
C LYS A 18 2.08 -0.89 4.41
N ALA A 19 1.75 -2.18 4.39
CA ALA A 19 2.66 -3.20 3.91
C ALA A 19 2.03 -4.01 2.76
N PHE A 20 2.82 -4.27 1.73
CA PHE A 20 2.34 -5.03 0.58
C PHE A 20 3.34 -6.10 0.18
N SER A 21 2.84 -7.33 0.00
CA SER A 21 3.68 -8.45 -0.38
C SER A 21 3.90 -8.49 -1.89
N PHE A 22 3.75 -7.33 -2.54
CA PHE A 22 3.93 -7.22 -3.98
C PHE A 22 4.30 -5.80 -4.38
N LYS A 23 5.57 -5.62 -4.74
CA LYS A 23 6.06 -4.30 -5.15
C LYS A 23 4.99 -3.54 -5.90
N SER A 24 4.49 -4.12 -6.98
CA SER A 24 3.46 -3.49 -7.80
C SER A 24 2.33 -2.95 -6.93
N GLN A 25 1.78 -3.82 -6.09
CA GLN A 25 0.69 -3.44 -5.20
C GLN A 25 1.00 -2.13 -4.49
N LEU A 26 2.10 -2.11 -3.73
CA LEU A 26 2.51 -0.92 -3.00
C LEU A 26 2.48 0.31 -3.89
N ILE A 27 3.02 0.17 -5.10
CA ILE A 27 3.04 1.28 -6.05
C ILE A 27 1.64 1.73 -6.40
N ILE A 28 0.71 0.78 -6.49
CA ILE A 28 -0.68 1.07 -6.82
C ILE A 28 -1.36 1.80 -5.67
N HIS A 29 -1.01 1.43 -4.44
CA HIS A 29 -1.59 2.04 -3.26
C HIS A 29 -1.10 3.48 -3.09
N GLN A 30 0.22 3.66 -3.17
CA GLN A 30 0.82 4.98 -3.04
C GLN A 30 0.08 6.01 -3.88
N ARG A 31 -0.63 5.53 -4.90
CA ARG A 31 -1.38 6.41 -5.79
C ARG A 31 -2.28 7.35 -4.99
N ILE A 32 -2.51 7.01 -3.73
CA ILE A 32 -3.35 7.82 -2.86
C ILE A 32 -2.56 9.00 -2.28
N HIS A 33 -1.27 8.78 -2.06
CA HIS A 33 -0.40 9.81 -1.52
C HIS A 33 0.15 10.71 -2.62
N THR A 34 -0.53 10.71 -3.76
CA THR A 34 -0.11 11.51 -4.90
C THR A 34 -1.30 12.02 -5.69
N GLY A 35 -1.05 12.93 -6.63
CA GLY A 35 -2.13 13.47 -7.45
C GLY A 35 -2.55 12.54 -8.56
N GLU A 36 -2.85 11.29 -8.20
CA GLU A 36 -3.26 10.30 -9.18
C GLU A 36 -4.75 10.41 -9.48
N SER A 37 -5.14 10.07 -10.71
CA SER A 37 -6.53 10.14 -11.11
C SER A 37 -7.15 11.48 -10.71
N GLY A 38 -6.37 12.55 -10.85
CA GLY A 38 -6.86 13.87 -10.51
C GLY A 38 -6.27 14.38 -9.19
N PRO A 39 -6.46 15.67 -8.92
CA PRO A 39 -5.96 16.31 -7.70
C PRO A 39 -6.70 15.84 -6.45
N SER A 40 -5.98 15.13 -5.58
CA SER A 40 -6.57 14.62 -4.35
C SER A 40 -7.20 15.75 -3.54
N SER A 41 -8.22 15.40 -2.76
CA SER A 41 -8.92 16.39 -1.93
C SER A 41 -9.02 15.91 -0.49
N GLY A 42 -8.99 16.85 0.45
CA GLY A 42 -9.08 16.51 1.86
C GLY A 42 -9.51 17.69 2.72
#